data_4WVB
#
_entry.id   4WVB
#
_cell.length_a   93.445
_cell.length_b   93.445
_cell.length_c   254.141
_cell.angle_alpha   90.00
_cell.angle_beta   90.00
_cell.angle_gamma   120.00
#
_symmetry.space_group_name_H-M   'H 3'
#
loop_
_entity.id
_entity.type
_entity.pdbx_description
1 polymer 'Uncharacterized protein'
2 non-polymer 'CHLORIDE ION'
3 non-polymer (4S)-2-METHYL-2,4-PENTANEDIOL
4 non-polymer alpha-D-glucopyranose
5 water water
#
_entity_poly.entity_id   1
_entity_poly.type   'polypeptide(L)'
_entity_poly.pdbx_seq_one_letter_code
;MAPLRTKAVEVLQRNSRGAFTVPAHGLYPYQWLWDSAFIALGWTQVDWERAWQELLCLFDYGQGPDGMLPHIVFHEQSRD
YFPGPDVWGREARAQPATSGITQPPVVATVVRYLYEKDPDRDRARERARYLFPKLLAFHRWLYHARDPYRTGLVVIVHPW
ESGMDNSPAWDKPLSRVPVENLPPYERRDVKHVNPEERPRKEDYDRYLSLLYLFRRLEYDPREIYRQSPFKVVDVGFNAI
LQRANRDLYALAVLLQEDPYEIEEWIVRGEVGLEALWDREAGFYFSWDLVAGEPIAVKTSAGFLPLFAGTPHQGRASLLA
QEAERWGEKARYLLPSVDPTSPFFEPGRYWRGPVWINVNWMVAEGFRDYGFAALAARLKADALALMEREGFREYYDPLTG
QGRGGEGFSWSAALALFWTR
;
_entity_poly.pdbx_strand_id   A,B
#
loop_
_chem_comp.id
_chem_comp.type
_chem_comp.name
_chem_comp.formula
CL non-polymer 'CHLORIDE ION' 'Cl -1'
GLC D-saccharide, alpha linking alpha-D-glucopyranose 'C6 H12 O6'
MPD non-polymer (4S)-2-METHYL-2,4-PENTANEDIOL 'C6 H14 O2'
#
# COMPACT_ATOMS: atom_id res chain seq x y z
N PRO A 3 23.28 -2.25 -38.31
CA PRO A 3 22.26 -1.20 -38.39
C PRO A 3 21.53 -0.95 -37.06
N LEU A 4 20.68 0.07 -37.08
CA LEU A 4 20.16 0.66 -35.83
C LEU A 4 19.46 -0.37 -34.93
N ARG A 5 18.49 -1.09 -35.47
CA ARG A 5 17.66 -1.96 -34.62
C ARG A 5 18.43 -3.15 -34.06
N THR A 6 19.27 -3.80 -34.87
CA THR A 6 20.05 -4.93 -34.38
C THR A 6 21.02 -4.50 -33.28
N LYS A 7 21.67 -3.37 -33.49
CA LYS A 7 22.63 -2.85 -32.51
C LYS A 7 21.93 -2.37 -31.23
N ALA A 8 20.71 -1.90 -31.38
CA ALA A 8 19.89 -1.50 -30.24
C ALA A 8 19.52 -2.70 -29.36
N VAL A 9 19.15 -3.81 -30.01
CA VAL A 9 18.87 -5.07 -29.30
C VAL A 9 20.13 -5.52 -28.52
N GLU A 10 21.29 -5.41 -29.17
CA GLU A 10 22.56 -5.80 -28.55
C GLU A 10 22.83 -4.99 -27.28
N VAL A 11 22.55 -3.69 -27.33
CA VAL A 11 22.69 -2.82 -26.15
C VAL A 11 21.79 -3.27 -25.02
N LEU A 12 20.53 -3.57 -25.35
CA LEU A 12 19.55 -3.96 -24.32
C LEU A 12 19.94 -5.29 -23.70
N GLN A 13 20.36 -6.25 -24.53
CA GLN A 13 20.81 -7.55 -24.05
C GLN A 13 22.05 -7.44 -23.16
N ARG A 14 23.03 -6.61 -23.55
CA ARG A 14 24.26 -6.43 -22.77
C ARG A 14 23.97 -5.79 -21.42
N ASN A 15 23.00 -4.87 -21.39
CA ASN A 15 22.60 -4.19 -20.17
C ASN A 15 21.55 -4.95 -19.35
N SER A 16 21.10 -6.11 -19.82
CA SER A 16 20.09 -6.90 -19.10
C SER A 16 20.71 -7.59 -17.89
N ARG A 17 19.97 -7.62 -16.81
CA ARG A 17 20.38 -8.29 -15.57
C ARG A 17 19.24 -9.22 -15.17
N GLY A 18 18.80 -10.02 -16.13
CA GLY A 18 17.67 -10.92 -15.93
C GLY A 18 16.37 -10.22 -16.28
N ALA A 19 15.70 -9.72 -15.24
CA ALA A 19 14.40 -9.10 -15.38
C ALA A 19 14.44 -7.57 -15.38
N PHE A 20 15.60 -6.95 -15.17
CA PHE A 20 15.74 -5.50 -15.32
C PHE A 20 16.96 -5.16 -16.18
N THR A 21 16.98 -3.91 -16.66
CA THR A 21 17.98 -3.44 -17.59
C THR A 21 18.68 -2.25 -16.95
N VAL A 22 20.01 -2.27 -16.91
CA VAL A 22 20.74 -1.09 -16.39
C VAL A 22 20.69 0.03 -17.44
N PRO A 23 20.77 1.29 -17.00
CA PRO A 23 20.58 2.39 -17.98
C PRO A 23 21.70 2.59 -19.00
N ALA A 24 22.87 2.01 -18.77
CA ALA A 24 24.01 2.25 -19.64
C ALA A 24 25.14 1.23 -19.42
N HIS A 25 26.03 1.12 -20.40
CA HIS A 25 27.25 0.31 -20.28
C HIS A 25 28.03 0.75 -19.04
N GLY A 26 28.57 -0.23 -18.31
CA GLY A 26 29.49 0.06 -17.20
C GLY A 26 28.89 0.22 -15.82
N LEU A 27 27.56 0.28 -15.72
CA LEU A 27 26.94 0.63 -14.47
C LEU A 27 26.73 -0.58 -13.56
N TYR A 28 26.65 -0.34 -12.26
CA TYR A 28 26.28 -1.36 -11.28
C TYR A 28 24.89 -1.92 -11.58
N PRO A 29 24.61 -3.13 -11.06
CA PRO A 29 23.30 -3.71 -11.30
C PRO A 29 22.20 -3.02 -10.49
N TYR A 30 21.86 -1.79 -10.88
CA TYR A 30 20.76 -1.03 -10.30
C TYR A 30 19.70 -0.68 -11.36
N GLN A 31 18.44 -0.58 -10.92
CA GLN A 31 17.32 -0.32 -11.82
C GLN A 31 16.79 1.10 -11.61
N TRP A 32 16.57 1.86 -12.68
CA TRP A 32 16.09 3.22 -12.56
C TRP A 32 14.63 3.27 -13.05
N LEU A 33 13.82 4.09 -12.39
CA LEU A 33 12.37 4.15 -12.60
C LEU A 33 11.99 4.60 -14.01
N TRP A 34 12.37 5.81 -14.43
CA TRP A 34 11.85 6.22 -15.74
C TRP A 34 12.60 5.53 -16.88
N ASP A 35 13.88 5.23 -16.66
CA ASP A 35 14.64 4.46 -17.65
C ASP A 35 13.93 3.14 -17.93
N SER A 36 13.58 2.38 -16.88
CA SER A 36 12.93 1.10 -17.08
C SER A 36 11.61 1.21 -17.86
N ALA A 37 10.86 2.27 -17.63
CA ALA A 37 9.63 2.48 -18.40
C ALA A 37 9.91 2.62 -19.89
N PHE A 38 10.85 3.48 -20.26
CA PHE A 38 11.16 3.63 -21.69
C PHE A 38 11.77 2.35 -22.24
N ILE A 39 12.56 1.68 -21.41
CA ILE A 39 13.24 0.46 -21.83
C ILE A 39 12.23 -0.64 -22.13
N ALA A 40 11.19 -0.74 -21.32
CA ALA A 40 10.19 -1.76 -21.58
C ALA A 40 9.59 -1.61 -22.99
N LEU A 41 9.44 -0.39 -23.47
CA LEU A 41 8.94 -0.14 -24.82
C LEU A 41 9.87 -0.77 -25.86
N GLY A 42 11.17 -0.65 -25.61
CA GLY A 42 12.20 -1.29 -26.46
C GLY A 42 12.08 -2.79 -26.55
N TRP A 43 11.91 -3.42 -25.39
CA TRP A 43 11.80 -4.87 -25.31
C TRP A 43 10.58 -5.43 -26.05
N THR A 44 9.54 -4.61 -26.30
CA THR A 44 8.38 -5.07 -27.07
C THR A 44 8.79 -5.50 -28.48
N GLN A 45 9.93 -4.99 -28.94
CA GLN A 45 10.40 -5.32 -30.29
C GLN A 45 11.30 -6.54 -30.27
N VAL A 46 11.46 -7.16 -29.11
CA VAL A 46 12.31 -8.35 -28.92
C VAL A 46 11.56 -9.54 -28.28
N ASP A 47 10.84 -9.29 -27.18
CA ASP A 47 10.30 -10.36 -26.36
C ASP A 47 9.26 -9.69 -25.44
N TRP A 48 7.98 -9.94 -25.68
CA TRP A 48 6.91 -9.27 -24.90
C TRP A 48 6.94 -9.61 -23.43
N GLU A 49 7.19 -10.87 -23.09
CA GLU A 49 7.32 -11.22 -21.67
C GLU A 49 8.44 -10.43 -21.01
N ARG A 50 9.59 -10.34 -21.68
CA ARG A 50 10.72 -9.60 -21.13
C ARG A 50 10.35 -8.11 -20.93
N ALA A 51 9.53 -7.58 -21.84
CA ALA A 51 9.04 -6.19 -21.67
C ALA A 51 8.22 -6.02 -20.39
N TRP A 52 7.25 -6.91 -20.19
CA TRP A 52 6.47 -6.95 -18.95
C TRP A 52 7.35 -7.15 -17.71
N GLN A 53 8.31 -8.07 -17.81
CA GLN A 53 9.18 -8.39 -16.66
C GLN A 53 9.95 -7.18 -16.15
N GLU A 54 10.41 -6.32 -17.06
CA GLU A 54 11.08 -5.07 -16.69
C GLU A 54 10.30 -4.29 -15.64
N LEU A 55 8.99 -4.15 -15.89
CA LEU A 55 8.12 -3.38 -15.03
C LEU A 55 7.65 -4.19 -13.79
N LEU A 56 7.36 -5.49 -13.95
CA LEU A 56 7.06 -6.33 -12.79
C LEU A 56 8.18 -6.23 -11.76
N CYS A 57 9.41 -6.26 -12.26
CA CYS A 57 10.61 -6.19 -11.42
C CYS A 57 10.70 -4.86 -10.71
N LEU A 58 10.47 -3.77 -11.43
CA LEU A 58 10.46 -2.45 -10.83
C LEU A 58 9.47 -2.37 -9.64
N PHE A 59 8.26 -2.84 -9.86
CA PHE A 59 7.25 -2.76 -8.81
C PHE A 59 7.51 -3.77 -7.71
N ASP A 60 7.78 -5.00 -8.10
CA ASP A 60 7.94 -6.11 -7.13
C ASP A 60 9.06 -5.85 -6.12
N TYR A 61 10.19 -5.33 -6.59
CA TYR A 61 11.34 -5.06 -5.70
C TYR A 61 11.43 -3.62 -5.24
N GLY A 62 10.67 -2.71 -5.87
CA GLY A 62 10.82 -1.26 -5.65
C GLY A 62 9.79 -0.61 -4.78
N GLN A 63 8.53 -1.06 -4.88
CA GLN A 63 7.40 -0.35 -4.30
C GLN A 63 7.17 -0.65 -2.83
N GLY A 64 6.94 0.41 -2.05
CA GLY A 64 6.65 0.33 -0.62
C GLY A 64 5.18 0.15 -0.26
N PRO A 65 4.89 -0.12 1.04
CA PRO A 65 3.49 -0.35 1.45
C PRO A 65 2.60 0.88 1.29
N ASP A 66 3.21 2.06 1.17
CA ASP A 66 2.49 3.31 0.96
C ASP A 66 2.30 3.62 -0.52
N GLY A 67 2.86 2.78 -1.39
CA GLY A 67 2.73 2.96 -2.85
C GLY A 67 3.89 3.65 -3.54
N MET A 68 4.78 4.26 -2.79
CA MET A 68 5.94 4.97 -3.37
C MET A 68 6.81 4.14 -4.29
N LEU A 69 7.15 4.69 -5.47
CA LEU A 69 8.13 4.04 -6.37
C LEU A 69 9.37 4.91 -6.36
N PRO A 70 10.52 4.32 -5.98
CA PRO A 70 11.79 5.04 -5.87
C PRO A 70 12.48 5.15 -7.22
N HIS A 71 13.34 6.15 -7.37
CA HIS A 71 13.96 6.37 -8.67
C HIS A 71 15.02 5.32 -8.93
N ILE A 72 15.60 4.76 -7.85
CA ILE A 72 16.56 3.68 -7.97
C ILE A 72 16.17 2.54 -7.03
N VAL A 73 16.22 1.34 -7.59
CA VAL A 73 16.21 0.11 -6.82
C VAL A 73 17.64 -0.46 -6.85
N PHE A 74 18.25 -0.58 -5.68
CA PHE A 74 19.65 -1.04 -5.61
C PHE A 74 19.73 -2.56 -5.56
N HIS A 75 19.47 -3.22 -6.68
CA HIS A 75 19.38 -4.67 -6.69
C HIS A 75 20.67 -5.34 -6.25
N GLU A 76 21.81 -4.84 -6.74
CA GLU A 76 23.14 -5.44 -6.48
C GLU A 76 23.33 -6.86 -7.06
N GLN A 77 22.42 -7.29 -7.94
CA GLN A 77 22.47 -8.62 -8.54
C GLN A 77 21.42 -8.66 -9.64
N SER A 78 21.47 -9.72 -10.44
CA SER A 78 20.46 -9.98 -11.45
C SER A 78 19.20 -10.52 -10.78
N ARG A 79 18.05 -10.41 -11.47
CA ARG A 79 16.77 -10.90 -10.99
C ARG A 79 16.11 -11.87 -11.95
N ASP A 80 15.47 -12.87 -11.37
CA ASP A 80 14.69 -13.81 -12.14
C ASP A 80 13.36 -13.20 -12.43
N TYR A 81 12.70 -13.72 -13.46
CA TYR A 81 11.33 -13.36 -13.76
C TYR A 81 10.46 -13.57 -12.53
N PHE A 82 9.38 -12.80 -12.46
CA PHE A 82 8.34 -12.92 -11.44
C PHE A 82 7.78 -14.35 -11.43
N PRO A 83 7.83 -15.03 -10.27
CA PRO A 83 7.40 -16.44 -10.26
C PRO A 83 5.88 -16.63 -10.17
N GLY A 84 5.13 -15.54 -10.12
CA GLY A 84 3.69 -15.58 -9.96
C GLY A 84 3.28 -15.63 -8.49
N PRO A 85 2.00 -15.36 -8.20
CA PRO A 85 1.42 -15.64 -6.88
C PRO A 85 1.02 -17.10 -6.75
N TRP A 88 5.32 -16.20 -5.02
CA TRP A 88 5.88 -14.92 -4.60
C TRP A 88 5.59 -14.68 -3.12
N GLY A 89 4.32 -14.81 -2.72
CA GLY A 89 3.93 -14.56 -1.33
C GLY A 89 4.17 -15.67 -0.33
N ARG A 90 4.52 -16.87 -0.82
CA ARG A 90 4.62 -18.08 0.03
C ARG A 90 6.04 -18.55 0.35
N GLU A 91 7.06 -17.89 -0.21
CA GLU A 91 8.44 -18.10 0.22
C GLU A 91 9.02 -16.76 0.66
N ALA A 92 10.01 -16.82 1.56
CA ALA A 92 10.76 -15.64 1.98
C ALA A 92 11.65 -15.18 0.84
N ARG A 93 11.84 -13.88 0.74
CA ARG A 93 12.73 -13.33 -0.30
C ARG A 93 13.48 -12.12 0.24
N ALA A 94 14.44 -11.63 -0.54
CA ALA A 94 15.20 -10.43 -0.18
C ALA A 94 14.53 -9.20 -0.79
N GLN A 95 14.54 -8.12 -0.02
CA GLN A 95 14.00 -6.82 -0.44
C GLN A 95 15.17 -5.88 -0.53
N PRO A 96 15.52 -5.43 -1.74
CA PRO A 96 16.73 -4.59 -1.83
C PRO A 96 16.54 -3.18 -1.25
N ALA A 97 17.65 -2.50 -1.01
CA ALA A 97 17.64 -1.08 -0.69
C ALA A 97 17.14 -0.32 -1.92
N THR A 98 16.48 0.80 -1.66
CA THR A 98 16.03 1.71 -2.71
C THR A 98 16.37 3.13 -2.32
N SER A 99 16.33 4.05 -3.28
CA SER A 99 16.43 5.47 -2.96
C SER A 99 15.17 5.91 -2.24
N GLY A 100 15.18 7.13 -1.70
CA GLY A 100 14.03 7.66 -0.97
C GLY A 100 13.33 8.80 -1.69
N ILE A 101 13.65 8.96 -2.97
CA ILE A 101 13.01 9.95 -3.86
C ILE A 101 12.47 9.24 -5.10
N THR A 102 11.64 9.94 -5.88
CA THR A 102 10.94 9.34 -7.03
C THR A 102 11.44 9.94 -8.35
N GLN A 103 10.73 9.65 -9.46
CA GLN A 103 11.16 10.13 -10.78
C GLN A 103 9.89 10.25 -11.65
N PRO A 104 10.01 10.82 -12.86
CA PRO A 104 8.79 11.09 -13.62
C PRO A 104 7.96 9.81 -13.89
N PRO A 105 6.65 9.84 -13.60
CA PRO A 105 5.80 8.65 -13.61
C PRO A 105 5.22 8.33 -15.00
N VAL A 106 6.10 8.01 -15.94
CA VAL A 106 5.68 7.65 -17.29
C VAL A 106 5.17 6.23 -17.32
N VAL A 107 5.35 5.48 -16.23
CA VAL A 107 5.05 4.06 -16.25
C VAL A 107 3.64 3.63 -16.69
N ALA A 108 2.59 4.35 -16.28
CA ALA A 108 1.24 3.91 -16.61
C ALA A 108 0.99 3.99 -18.11
N THR A 109 1.58 4.99 -18.75
CA THR A 109 1.49 5.14 -20.20
C THR A 109 2.11 3.92 -20.92
N VAL A 110 3.25 3.45 -20.44
CA VAL A 110 3.90 2.24 -20.96
C VAL A 110 3.04 1.00 -20.72
N VAL A 111 2.53 0.85 -19.50
CA VAL A 111 1.73 -0.33 -19.19
C VAL A 111 0.48 -0.38 -20.07
N ARG A 112 -0.16 0.77 -20.32
CA ARG A 112 -1.31 0.80 -21.23
C ARG A 112 -0.93 0.28 -22.63
N TYR A 113 0.20 0.77 -23.13
CA TYR A 113 0.71 0.27 -24.43
C TYR A 113 0.92 -1.25 -24.41
N LEU A 114 1.63 -1.74 -23.41
CA LEU A 114 1.88 -3.17 -23.32
C LEU A 114 0.58 -3.96 -23.24
N TYR A 115 -0.36 -3.47 -22.44
CA TYR A 115 -1.65 -4.12 -22.35
C TYR A 115 -2.39 -4.17 -23.70
N GLU A 116 -2.44 -3.07 -24.41
CA GLU A 116 -3.25 -2.96 -25.63
C GLU A 116 -2.65 -3.75 -26.79
N LYS A 117 -1.33 -3.83 -26.80
CA LYS A 117 -0.63 -4.37 -27.97
C LYS A 117 -0.03 -5.74 -27.85
N ASP A 118 0.07 -6.29 -26.64
CA ASP A 118 0.56 -7.65 -26.46
C ASP A 118 -0.29 -8.61 -27.32
N PRO A 119 0.35 -9.40 -28.21
CA PRO A 119 -0.45 -10.30 -29.05
C PRO A 119 -0.99 -11.47 -28.24
N ASP A 120 -0.41 -11.72 -27.07
CA ASP A 120 -0.96 -12.70 -26.16
C ASP A 120 -1.93 -12.02 -25.19
N ARG A 121 -3.22 -12.18 -25.45
CA ARG A 121 -4.25 -11.45 -24.71
C ARG A 121 -4.46 -11.99 -23.31
N ASP A 122 -4.21 -13.29 -23.12
CA ASP A 122 -4.30 -13.86 -21.76
C ASP A 122 -3.21 -13.29 -20.87
N ARG A 123 -1.99 -13.23 -21.41
CA ARG A 123 -0.84 -12.65 -20.70
C ARG A 123 -1.09 -11.19 -20.43
N ALA A 124 -1.59 -10.46 -21.44
CA ALA A 124 -1.86 -9.03 -21.29
C ALA A 124 -2.81 -8.78 -20.13
N ARG A 125 -3.92 -9.51 -20.07
CA ARG A 125 -4.86 -9.40 -18.96
C ARG A 125 -4.23 -9.74 -17.60
N GLU A 126 -3.51 -10.85 -17.52
CA GLU A 126 -2.89 -11.24 -16.26
C GLU A 126 -1.91 -10.19 -15.75
N ARG A 127 -1.05 -9.70 -16.64
CA ARG A 127 -0.01 -8.74 -16.25
C ARG A 127 -0.63 -7.37 -15.89
N ALA A 128 -1.60 -6.91 -16.68
CA ALA A 128 -2.19 -5.59 -16.46
C ALA A 128 -3.04 -5.55 -15.17
N ARG A 129 -3.75 -6.65 -14.89
CA ARG A 129 -4.58 -6.74 -13.68
C ARG A 129 -3.68 -6.79 -12.46
N TYR A 130 -2.53 -7.41 -12.59
CA TYR A 130 -1.51 -7.45 -11.51
C TYR A 130 -0.92 -6.07 -11.27
N LEU A 131 -0.55 -5.37 -12.34
CA LEU A 131 0.07 -4.07 -12.21
C LEU A 131 -0.89 -2.93 -11.88
N PHE A 132 -2.15 -3.00 -12.33
CA PHE A 132 -3.09 -1.90 -12.20
C PHE A 132 -3.18 -1.32 -10.77
N PRO A 133 -3.40 -2.16 -9.73
CA PRO A 133 -3.50 -1.61 -8.37
C PRO A 133 -2.21 -1.00 -7.82
N LYS A 134 -1.09 -1.51 -8.31
CA LYS A 134 0.23 -0.99 -7.99
C LYS A 134 0.46 0.36 -8.63
N LEU A 135 0.06 0.51 -9.90
CA LEU A 135 0.11 1.82 -10.54
C LEU A 135 -0.76 2.81 -9.79
N LEU A 136 -1.98 2.40 -9.50
CA LEU A 136 -2.93 3.22 -8.81
C LEU A 136 -2.36 3.67 -7.45
N ALA A 137 -1.72 2.74 -6.74
CA ALA A 137 -1.09 3.09 -5.43
C ALA A 137 0.08 4.08 -5.55
N PHE A 138 0.84 4.01 -6.65
CA PHE A 138 1.88 4.95 -6.92
C PHE A 138 1.37 6.38 -7.23
N HIS A 139 0.38 6.50 -8.11
CA HIS A 139 -0.24 7.80 -8.37
C HIS A 139 -0.84 8.37 -7.07
N ARG A 140 -1.48 7.50 -6.30
CA ARG A 140 -2.04 7.91 -5.04
C ARG A 140 -0.98 8.48 -4.09
N TRP A 141 0.12 7.76 -3.93
CA TRP A 141 1.25 8.25 -3.12
C TRP A 141 1.71 9.60 -3.63
N LEU A 142 1.86 9.74 -4.95
CA LEU A 142 2.31 11.02 -5.47
C LEU A 142 1.40 12.16 -5.05
N TYR A 143 0.10 12.03 -5.28
CA TYR A 143 -0.84 13.08 -4.90
C TYR A 143 -0.90 13.31 -3.38
N HIS A 144 -1.00 12.23 -2.61
CA HIS A 144 -1.11 12.38 -1.14
C HIS A 144 0.15 12.98 -0.50
N ALA A 145 1.32 12.58 -0.98
CA ALA A 145 2.58 13.07 -0.44
C ALA A 145 2.96 14.43 -0.99
N ARG A 146 2.72 14.61 -2.29
CA ARG A 146 3.28 15.76 -3.01
C ARG A 146 2.28 16.80 -3.46
N ASP A 147 1.00 16.54 -3.21
CA ASP A 147 -0.07 17.52 -3.40
C ASP A 147 -1.08 17.40 -2.27
N PRO A 148 -0.62 17.58 -1.02
CA PRO A 148 -1.51 17.38 0.14
C PRO A 148 -2.69 18.37 0.17
N TYR A 149 -2.55 19.53 -0.50
CA TYR A 149 -3.64 20.50 -0.61
C TYR A 149 -4.57 20.30 -1.82
N ARG A 150 -4.38 19.24 -2.57
CA ARG A 150 -5.29 18.87 -3.65
C ARG A 150 -5.42 20.03 -4.62
N THR A 151 -4.26 20.54 -5.02
CA THR A 151 -4.18 21.58 -6.06
C THR A 151 -4.33 21.03 -7.48
N GLY A 152 -4.00 19.76 -7.65
CA GLY A 152 -3.90 19.16 -8.98
C GLY A 152 -2.48 19.12 -9.51
N LEU A 153 -1.54 19.74 -8.82
CA LEU A 153 -0.15 19.74 -9.17
C LEU A 153 0.69 19.12 -8.07
N VAL A 154 1.70 18.32 -8.45
CA VAL A 154 2.63 17.71 -7.47
C VAL A 154 3.94 18.47 -7.43
N VAL A 155 4.56 18.49 -6.25
CA VAL A 155 5.88 19.04 -6.12
C VAL A 155 6.98 17.96 -6.14
N ILE A 156 8.13 18.36 -6.66
CA ILE A 156 9.35 17.63 -6.47
C ILE A 156 10.11 18.37 -5.35
N VAL A 157 10.75 17.58 -4.48
CA VAL A 157 11.54 18.10 -3.34
C VAL A 157 13.04 17.95 -3.57
N HIS A 158 13.42 17.40 -4.73
CA HIS A 158 14.82 17.24 -5.09
C HIS A 158 14.89 17.40 -6.61
N PRO A 159 15.86 18.17 -7.14
CA PRO A 159 16.01 18.30 -8.61
C PRO A 159 16.13 16.96 -9.36
N TRP A 160 16.73 15.95 -8.74
CA TRP A 160 16.86 14.65 -9.37
C TRP A 160 15.51 14.03 -9.69
N GLU A 161 14.48 14.42 -8.96
CA GLU A 161 13.16 13.85 -9.17
C GLU A 161 12.55 14.26 -10.50
N SER A 162 13.04 15.36 -11.09
CA SER A 162 12.57 15.79 -12.40
C SER A 162 13.07 14.87 -13.51
N GLY A 163 14.08 14.07 -13.20
CA GLY A 163 14.80 13.35 -14.22
C GLY A 163 15.76 14.23 -14.98
N MET A 164 15.76 15.55 -14.72
CA MET A 164 16.52 16.53 -15.50
C MET A 164 17.44 17.25 -14.53
N ASP A 165 18.41 16.48 -14.04
CA ASP A 165 19.07 16.75 -12.75
C ASP A 165 19.57 18.18 -12.63
N ASN A 166 20.30 18.63 -13.65
CA ASN A 166 20.91 19.96 -13.66
C ASN A 166 20.24 20.93 -14.61
N SER A 167 18.94 20.77 -14.83
CA SER A 167 18.20 21.74 -15.65
C SER A 167 18.45 23.15 -15.12
N PRO A 168 18.72 24.12 -16.01
CA PRO A 168 18.94 25.47 -15.53
C PRO A 168 17.72 26.02 -14.78
N ALA A 169 16.55 25.42 -14.98
CA ALA A 169 15.38 25.83 -14.21
C ALA A 169 15.61 25.67 -12.72
N TRP A 170 16.46 24.72 -12.30
CA TRP A 170 16.59 24.43 -10.86
C TRP A 170 17.67 25.30 -10.19
N ASP A 171 18.38 26.11 -10.97
CA ASP A 171 19.56 26.81 -10.43
C ASP A 171 19.20 27.69 -9.22
N LYS A 172 18.19 28.55 -9.37
CA LYS A 172 17.82 29.50 -8.30
C LYS A 172 17.24 28.73 -7.10
N PRO A 173 16.24 27.87 -7.33
CA PRO A 173 15.79 27.02 -6.21
C PRO A 173 16.90 26.26 -5.47
N LEU A 174 17.81 25.62 -6.21
CA LEU A 174 18.89 24.87 -5.59
C LEU A 174 19.78 25.81 -4.75
N SER A 175 20.01 27.04 -5.25
CA SER A 175 20.89 28.01 -4.56
C SER A 175 20.45 28.37 -3.13
N ARG A 176 19.17 28.19 -2.80
CA ARG A 176 18.68 28.45 -1.45
C ARG A 176 18.83 27.29 -0.47
N VAL A 177 19.29 26.15 -0.96
CA VAL A 177 19.40 24.98 -0.11
C VAL A 177 20.60 25.20 0.80
N PRO A 178 20.37 25.26 2.13
CA PRO A 178 21.51 25.41 3.04
C PRO A 178 22.41 24.17 3.04
N VAL A 179 23.73 24.37 3.06
CA VAL A 179 24.66 23.24 3.22
C VAL A 179 24.86 22.91 4.70
N GLU A 202 29.91 21.88 -5.94
CA GLU A 202 29.07 22.91 -5.34
C GLU A 202 27.59 22.54 -5.34
N ASP A 203 27.13 21.92 -6.42
CA ASP A 203 25.75 21.47 -6.51
C ASP A 203 25.58 20.17 -5.74
N TYR A 204 26.58 19.28 -5.82
CA TYR A 204 26.52 17.97 -5.17
C TYR A 204 26.33 18.13 -3.68
N ASP A 205 26.98 19.15 -3.11
CA ASP A 205 26.84 19.46 -1.70
C ASP A 205 25.39 19.74 -1.36
N ARG A 206 24.72 20.50 -2.23
CA ARG A 206 23.30 20.81 -2.05
C ARG A 206 22.38 19.60 -2.35
N TYR A 207 22.72 18.76 -3.34
CA TYR A 207 21.94 17.53 -3.55
C TYR A 207 22.01 16.64 -2.32
N LEU A 208 23.20 16.49 -1.76
CA LEU A 208 23.38 15.67 -0.56
C LEU A 208 22.72 16.25 0.68
N SER A 209 22.73 17.57 0.83
CA SER A 209 22.08 18.20 1.97
C SER A 209 20.59 17.95 1.99
N LEU A 210 19.97 17.99 0.81
CA LEU A 210 18.54 17.67 0.72
C LEU A 210 18.28 16.25 1.24
N LEU A 211 19.06 15.28 0.78
CA LEU A 211 18.86 13.88 1.20
C LEU A 211 19.09 13.68 2.69
N TYR A 212 20.08 14.38 3.24
CA TYR A 212 20.31 14.43 4.69
C TYR A 212 19.11 14.98 5.46
N LEU A 213 18.50 16.05 4.93
CA LEU A 213 17.29 16.61 5.52
C LEU A 213 16.17 15.57 5.55
N PHE A 214 15.95 14.90 4.42
CA PHE A 214 14.85 13.94 4.34
C PHE A 214 15.03 12.83 5.38
N ARG A 215 16.26 12.38 5.59
CA ARG A 215 16.52 11.27 6.53
C ARG A 215 16.38 11.78 7.95
N ARG A 216 16.90 12.97 8.21
CA ARG A 216 16.70 13.64 9.48
C ARG A 216 15.21 13.74 9.83
N LEU A 217 14.36 14.00 8.83
CA LEU A 217 12.91 14.05 9.04
C LEU A 217 12.21 12.69 8.93
N GLU A 218 13.01 11.60 8.95
CA GLU A 218 12.51 10.23 9.01
C GLU A 218 11.71 9.86 7.77
N TYR A 219 11.94 10.59 6.67
CA TYR A 219 11.18 10.41 5.44
C TYR A 219 9.66 10.64 5.60
N ASP A 220 9.29 11.40 6.62
CA ASP A 220 7.90 11.77 6.88
C ASP A 220 7.47 12.72 5.76
N PRO A 221 6.53 12.29 4.91
CA PRO A 221 6.07 13.15 3.80
C PRO A 221 5.47 14.49 4.22
N ARG A 222 4.80 14.50 5.36
CA ARG A 222 4.13 15.70 5.82
C ARG A 222 5.14 16.73 6.25
N GLU A 223 6.14 16.30 7.01
CA GLU A 223 7.22 17.19 7.45
C GLU A 223 8.10 17.62 6.29
N ILE A 224 8.44 16.71 5.38
CA ILE A 224 9.34 17.10 4.29
C ILE A 224 8.64 18.08 3.33
N TYR A 225 7.35 17.88 3.07
CA TYR A 225 6.61 18.85 2.27
C TYR A 225 6.61 20.21 2.97
N ARG A 226 6.40 20.21 4.29
CA ARG A 226 6.43 21.44 5.07
C ARG A 226 7.80 22.11 5.06
N GLN A 227 8.87 21.32 5.25
CA GLN A 227 10.19 21.90 5.53
C GLN A 227 11.21 21.90 4.39
N SER A 228 10.95 21.22 3.27
CA SER A 228 11.99 21.14 2.25
C SER A 228 12.35 22.54 1.74
N PRO A 229 13.66 22.88 1.68
CA PRO A 229 14.03 24.17 1.12
C PRO A 229 13.98 24.20 -0.42
N PHE A 230 13.74 23.04 -1.02
CA PHE A 230 13.57 22.88 -2.48
C PHE A 230 12.16 22.31 -2.68
N LYS A 231 11.30 23.09 -3.33
CA LYS A 231 9.92 22.70 -3.51
C LYS A 231 9.40 23.31 -4.79
N VAL A 232 9.34 22.49 -5.82
CA VAL A 232 9.09 22.95 -7.19
C VAL A 232 7.98 22.15 -7.84
N VAL A 233 7.06 22.86 -8.48
CA VAL A 233 6.13 22.24 -9.41
C VAL A 233 6.81 22.16 -10.79
N ASP A 234 7.27 20.96 -11.12
CA ASP A 234 8.04 20.71 -12.33
C ASP A 234 7.02 20.47 -13.46
N VAL A 235 7.08 21.30 -14.50
CA VAL A 235 6.14 21.14 -15.63
C VAL A 235 6.34 19.77 -16.30
N GLY A 236 7.57 19.25 -16.30
CA GLY A 236 7.82 17.95 -16.91
C GLY A 236 7.19 16.80 -16.15
N PHE A 237 7.51 16.74 -14.88
CA PHE A 237 6.96 15.71 -14.00
C PHE A 237 5.44 15.73 -14.09
N ASN A 238 4.85 16.94 -14.04
CA ASN A 238 3.40 17.06 -13.99
C ASN A 238 2.75 16.70 -15.32
N ALA A 239 3.39 17.07 -16.42
CA ALA A 239 2.83 16.74 -17.73
C ALA A 239 2.83 15.22 -17.93
N ILE A 240 3.93 14.57 -17.56
CA ILE A 240 4.11 13.14 -17.63
C ILE A 240 3.07 12.45 -16.71
N LEU A 241 2.92 12.94 -15.49
CA LEU A 241 1.88 12.41 -14.60
C LEU A 241 0.47 12.56 -15.14
N GLN A 242 0.17 13.70 -15.73
CA GLN A 242 -1.16 13.90 -16.31
C GLN A 242 -1.42 12.97 -17.48
N ARG A 243 -0.46 12.81 -18.39
CA ARG A 243 -0.59 11.79 -19.43
C ARG A 243 -0.82 10.42 -18.82
N ALA A 244 -0.05 10.08 -17.80
CA ALA A 244 -0.15 8.78 -17.16
C ALA A 244 -1.52 8.61 -16.50
N ASN A 245 -2.03 9.67 -15.87
CA ASN A 245 -3.40 9.63 -15.28
C ASN A 245 -4.42 9.27 -16.37
N ARG A 246 -4.35 9.95 -17.52
CA ARG A 246 -5.25 9.64 -18.63
C ARG A 246 -5.16 8.18 -19.09
N ASP A 247 -3.94 7.66 -19.16
CA ASP A 247 -3.72 6.31 -19.61
C ASP A 247 -4.15 5.28 -18.54
N LEU A 248 -4.02 5.68 -17.27
CA LEU A 248 -4.44 4.81 -16.16
C LEU A 248 -5.95 4.72 -16.12
N TYR A 249 -6.61 5.84 -16.39
CA TYR A 249 -8.06 5.85 -16.55
C TYR A 249 -8.51 4.87 -17.65
N ALA A 250 -7.88 4.93 -18.82
CA ALA A 250 -8.25 4.04 -19.93
C ALA A 250 -8.07 2.58 -19.51
N LEU A 251 -6.96 2.28 -18.83
CA LEU A 251 -6.71 0.93 -18.35
C LEU A 251 -7.80 0.51 -17.34
N ALA A 252 -8.18 1.41 -16.47
CA ALA A 252 -9.26 1.12 -15.49
C ALA A 252 -10.58 0.76 -16.18
N VAL A 253 -10.95 1.52 -17.21
CA VAL A 253 -12.19 1.25 -17.92
C VAL A 253 -12.11 -0.09 -18.66
N LEU A 254 -11.01 -0.31 -19.38
CA LEU A 254 -10.84 -1.53 -20.12
C LEU A 254 -10.85 -2.80 -19.26
N LEU A 255 -10.32 -2.69 -18.06
CA LEU A 255 -10.23 -3.83 -17.11
C LEU A 255 -11.43 -3.93 -16.18
N GLN A 256 -12.39 -3.02 -16.37
CA GLN A 256 -13.52 -2.85 -15.46
C GLN A 256 -13.08 -2.72 -13.99
N GLU A 257 -12.06 -1.89 -13.77
CA GLU A 257 -11.63 -1.48 -12.46
C GLU A 257 -12.33 -0.18 -12.14
N ASP A 258 -12.41 0.13 -10.89
CA ASP A 258 -13.03 1.38 -10.46
C ASP A 258 -12.12 2.62 -10.67
N PRO A 259 -12.61 3.62 -11.43
CA PRO A 259 -11.76 4.75 -11.85
C PRO A 259 -11.90 5.98 -10.98
N TYR A 260 -12.62 5.83 -9.87
CA TYR A 260 -12.98 6.94 -8.96
C TYR A 260 -11.83 7.89 -8.69
N GLU A 261 -10.71 7.38 -8.17
CA GLU A 261 -9.63 8.24 -7.73
C GLU A 261 -8.97 8.90 -8.92
N ILE A 262 -8.90 8.15 -10.00
CA ILE A 262 -8.17 8.63 -11.19
C ILE A 262 -8.89 9.82 -11.83
N GLU A 263 -10.23 9.75 -11.90
CA GLU A 263 -11.05 10.88 -12.43
C GLU A 263 -10.76 12.18 -11.69
N GLU A 264 -10.66 12.10 -10.36
CA GLU A 264 -10.32 13.30 -9.57
C GLU A 264 -8.97 13.90 -9.98
N TRP A 265 -7.98 13.04 -10.14
CA TRP A 265 -6.64 13.50 -10.48
C TRP A 265 -6.64 14.13 -11.86
N ILE A 266 -7.37 13.51 -12.79
CA ILE A 266 -7.46 14.06 -14.16
C ILE A 266 -8.09 15.46 -14.19
N VAL A 267 -9.22 15.63 -13.51
CA VAL A 267 -9.95 16.91 -13.55
C VAL A 267 -9.11 18.01 -12.89
N ARG A 268 -8.54 17.73 -11.72
CA ARG A 268 -7.67 18.71 -11.05
C ARG A 268 -6.38 18.99 -11.83
N GLY A 269 -5.83 17.94 -12.45
CA GLY A 269 -4.57 18.01 -13.13
C GLY A 269 -4.67 18.80 -14.41
N GLU A 270 -5.86 18.82 -15.01
CA GLU A 270 -6.07 19.59 -16.24
C GLU A 270 -6.04 21.08 -15.93
N VAL A 271 -6.63 21.46 -14.80
CA VAL A 271 -6.58 22.82 -14.32
C VAL A 271 -5.13 23.18 -13.95
N GLY A 272 -4.46 22.31 -13.21
CA GLY A 272 -3.14 22.58 -12.73
C GLY A 272 -2.11 22.77 -13.86
N LEU A 273 -2.08 21.83 -14.78
CA LEU A 273 -1.02 21.87 -15.81
C LEU A 273 -1.21 23.11 -16.68
N GLU A 274 -2.45 23.42 -17.03
CA GLU A 274 -2.67 24.64 -17.87
C GLU A 274 -2.34 25.94 -17.16
N ALA A 275 -2.43 25.93 -15.82
CA ALA A 275 -2.06 27.11 -15.06
C ALA A 275 -0.57 27.51 -15.27
N LEU A 276 0.26 26.54 -15.64
CA LEU A 276 1.70 26.77 -15.78
C LEU A 276 2.04 27.57 -17.05
N TRP A 277 1.07 27.77 -17.92
CA TRP A 277 1.32 28.55 -19.15
C TRP A 277 1.49 30.03 -18.82
N ASP A 278 2.58 30.61 -19.32
CA ASP A 278 2.84 32.00 -19.14
C ASP A 278 2.56 32.71 -20.48
N ARG A 279 1.52 33.53 -20.50
CA ARG A 279 1.06 34.16 -21.75
C ARG A 279 2.08 35.15 -22.30
N GLU A 280 2.77 35.85 -21.41
CA GLU A 280 3.73 36.89 -21.84
C GLU A 280 4.95 36.22 -22.51
N ALA A 281 5.41 35.10 -21.97
CA ALA A 281 6.54 34.33 -22.53
C ALA A 281 6.16 33.44 -23.68
N GLY A 282 4.87 33.09 -23.75
CA GLY A 282 4.39 32.06 -24.65
C GLY A 282 5.01 30.69 -24.43
N PHE A 283 5.05 30.26 -23.17
CA PHE A 283 5.69 28.99 -22.84
C PHE A 283 5.14 28.50 -21.52
N TYR A 284 5.35 27.23 -21.24
CA TYR A 284 5.04 26.63 -19.92
C TYR A 284 6.29 26.63 -19.03
N PHE A 285 6.13 27.15 -17.81
CA PHE A 285 7.21 27.22 -16.84
C PHE A 285 6.91 26.33 -15.63
N SER A 286 7.98 25.74 -15.06
CA SER A 286 7.92 25.18 -13.72
C SER A 286 7.79 26.31 -12.70
N TRP A 287 7.23 26.00 -11.52
CA TRP A 287 7.02 26.99 -10.49
C TRP A 287 7.82 26.65 -9.24
N ASP A 288 8.37 27.69 -8.63
CA ASP A 288 9.14 27.60 -7.39
C ASP A 288 8.23 28.00 -6.24
N LEU A 289 7.80 27.01 -5.44
CA LEU A 289 6.82 27.28 -4.39
C LEU A 289 7.46 27.84 -3.10
N VAL A 290 8.77 27.68 -2.95
CA VAL A 290 9.48 28.36 -1.86
C VAL A 290 9.49 29.88 -2.12
N ALA A 291 9.82 30.28 -3.34
CA ALA A 291 9.81 31.71 -3.68
C ALA A 291 8.41 32.19 -4.01
N GLY A 292 7.52 31.27 -4.38
CA GLY A 292 6.20 31.63 -4.84
C GLY A 292 6.18 32.26 -6.23
N GLU A 293 7.03 31.77 -7.13
CA GLU A 293 7.21 32.43 -8.42
C GLU A 293 7.37 31.42 -9.53
N PRO A 294 6.81 31.72 -10.71
CA PRO A 294 7.23 30.96 -11.87
C PRO A 294 8.74 31.06 -12.10
N ILE A 295 9.34 29.98 -12.57
CA ILE A 295 10.76 29.96 -12.92
C ILE A 295 10.83 30.29 -14.40
N ALA A 296 11.23 31.52 -14.72
CA ALA A 296 11.16 31.99 -16.12
C ALA A 296 12.34 31.50 -16.97
N VAL A 297 12.45 30.17 -17.12
CA VAL A 297 13.51 29.53 -17.90
C VAL A 297 12.85 28.56 -18.86
N LYS A 298 13.08 28.73 -20.16
CA LYS A 298 12.42 27.87 -21.13
C LYS A 298 13.27 26.63 -21.40
N THR A 299 12.78 25.47 -20.95
CA THR A 299 13.46 24.20 -21.17
C THR A 299 12.60 23.29 -22.01
N SER A 300 13.18 22.18 -22.47
CA SER A 300 12.43 21.19 -23.25
C SER A 300 11.25 20.61 -22.47
N ALA A 301 11.31 20.64 -21.14
CA ALA A 301 10.18 20.15 -20.33
C ALA A 301 8.90 20.96 -20.58
N GLY A 302 9.05 22.23 -20.94
CA GLY A 302 7.90 23.07 -21.18
C GLY A 302 7.07 22.68 -22.39
N PHE A 303 7.63 21.83 -23.25
CA PHE A 303 6.85 21.27 -24.35
C PHE A 303 5.98 20.08 -23.94
N LEU A 304 6.25 19.50 -22.78
CA LEU A 304 5.65 18.22 -22.47
C LEU A 304 4.14 18.26 -22.20
N PRO A 305 3.58 19.42 -21.88
CA PRO A 305 2.10 19.40 -21.83
C PRO A 305 1.45 18.94 -23.13
N LEU A 306 2.16 19.05 -24.28
CA LEU A 306 1.59 18.45 -25.51
C LEU A 306 1.36 16.92 -25.38
N PHE A 307 2.30 16.26 -24.72
CA PHE A 307 2.24 14.82 -24.45
C PHE A 307 1.11 14.49 -23.46
N ALA A 308 0.79 15.44 -22.58
CA ALA A 308 -0.36 15.30 -21.65
C ALA A 308 -1.67 15.53 -22.35
N GLY A 309 -1.67 16.33 -23.43
CA GLY A 309 -2.87 16.62 -24.16
C GLY A 309 -3.75 17.73 -23.58
N THR A 310 -3.19 18.61 -22.77
CA THR A 310 -3.92 19.70 -22.12
C THR A 310 -4.09 21.03 -22.87
N PRO A 311 -3.08 21.46 -23.65
CA PRO A 311 -3.35 22.74 -24.34
C PRO A 311 -4.45 22.69 -25.39
N HIS A 312 -4.99 23.86 -25.70
CA HIS A 312 -5.79 24.00 -26.91
C HIS A 312 -4.80 24.21 -28.08
N GLN A 313 -5.34 24.15 -29.28
CA GLN A 313 -4.51 24.16 -30.50
C GLN A 313 -3.72 25.45 -30.69
N GLY A 314 -4.32 26.57 -30.34
CA GLY A 314 -3.62 27.86 -30.42
C GLY A 314 -2.36 27.86 -29.59
N ARG A 315 -2.47 27.31 -28.38
CA ARG A 315 -1.35 27.17 -27.50
C ARG A 315 -0.28 26.20 -28.05
N ALA A 316 -0.73 25.06 -28.57
CA ALA A 316 0.14 24.12 -29.26
C ALA A 316 0.87 24.81 -30.43
N SER A 317 0.15 25.69 -31.14
CA SER A 317 0.75 26.40 -32.29
C SER A 317 1.84 27.37 -31.85
N LEU A 318 1.65 28.01 -30.69
CA LEU A 318 2.67 28.87 -30.15
C LEU A 318 3.88 28.07 -29.72
N LEU A 319 3.68 26.86 -29.19
CA LEU A 319 4.80 25.96 -28.92
C LEU A 319 5.49 25.52 -30.18
N ALA A 320 4.73 25.24 -31.23
CA ALA A 320 5.35 24.77 -32.49
C ALA A 320 6.23 25.90 -33.02
N GLN A 321 5.72 27.13 -32.97
CA GLN A 321 6.52 28.31 -33.39
C GLN A 321 7.79 28.45 -32.60
N GLU A 322 7.72 28.20 -31.29
CA GLU A 322 8.91 28.27 -30.45
C GLU A 322 9.93 27.18 -30.80
N ALA A 323 9.46 25.96 -31.01
CA ALA A 323 10.33 24.85 -31.37
C ALA A 323 11.04 25.17 -32.69
N GLU A 324 10.32 25.78 -33.61
CA GLU A 324 10.93 26.11 -34.92
C GLU A 324 11.98 27.20 -34.78
N ARG A 325 11.73 28.15 -33.91
CA ARG A 325 12.68 29.18 -33.56
C ARG A 325 13.96 28.57 -32.93
N TRP A 326 13.81 27.53 -32.11
CA TRP A 326 15.01 26.89 -31.54
C TRP A 326 15.82 26.18 -32.64
N GLY A 327 15.09 25.60 -33.60
CA GLY A 327 15.67 24.99 -34.80
C GLY A 327 16.40 25.98 -35.70
N GLU A 328 16.19 27.28 -35.53
CA GLU A 328 16.99 28.29 -36.26
C GLU A 328 18.41 28.43 -35.71
N LYS A 329 18.65 28.00 -34.48
CA LYS A 329 19.94 28.16 -33.84
C LYS A 329 20.65 26.85 -33.54
N ALA A 330 19.91 25.73 -33.55
CA ALA A 330 20.48 24.41 -33.30
C ALA A 330 20.34 23.56 -34.54
N ARG A 331 21.37 22.79 -34.89
CA ARG A 331 21.28 21.87 -36.03
C ARG A 331 20.29 20.76 -35.74
N TYR A 332 20.31 20.22 -34.52
CA TYR A 332 19.45 19.10 -34.14
C TYR A 332 18.44 19.55 -33.09
N LEU A 333 17.18 19.21 -33.33
CA LEU A 333 16.13 19.38 -32.32
C LEU A 333 16.11 18.12 -31.47
N LEU A 334 15.68 18.19 -30.21
CA LEU A 334 15.20 19.37 -29.50
C LEU A 334 16.20 19.65 -28.40
N PRO A 335 16.84 20.84 -28.43
CA PRO A 335 17.76 21.10 -27.30
C PRO A 335 17.00 21.14 -25.97
N SER A 336 17.67 20.77 -24.89
CA SER A 336 17.06 20.76 -23.55
C SER A 336 16.84 22.15 -22.95
N VAL A 337 17.54 23.17 -23.47
CA VAL A 337 17.24 24.56 -23.16
C VAL A 337 17.23 25.42 -24.41
N ASP A 338 16.42 26.48 -24.40
CA ASP A 338 16.40 27.47 -25.51
C ASP A 338 17.86 27.81 -25.90
N PRO A 339 18.22 27.61 -27.18
CA PRO A 339 19.61 27.92 -27.56
C PRO A 339 20.02 29.40 -27.35
N THR A 340 19.06 30.32 -27.26
CA THR A 340 19.35 31.72 -26.98
C THR A 340 19.37 32.04 -25.48
N SER A 341 19.19 31.02 -24.63
CA SER A 341 19.26 31.23 -23.18
C SER A 341 20.70 31.50 -22.77
N PRO A 342 20.91 32.42 -21.79
CA PRO A 342 22.24 32.62 -21.24
C PRO A 342 22.77 31.37 -20.55
N PHE A 343 21.88 30.43 -20.24
CA PHE A 343 22.29 29.16 -19.61
C PHE A 343 22.61 28.06 -20.63
N PHE A 344 22.39 28.32 -21.92
CA PHE A 344 22.59 27.28 -22.94
C PHE A 344 24.05 26.91 -23.05
N GLU A 345 24.33 25.61 -22.91
CA GLU A 345 25.67 25.03 -23.04
C GLU A 345 25.48 23.73 -23.82
N PRO A 346 26.09 23.63 -25.00
CA PRO A 346 25.76 22.53 -25.91
C PRO A 346 26.16 21.14 -25.46
N GLY A 347 27.07 21.00 -24.51
CA GLY A 347 27.52 19.67 -24.10
C GLY A 347 27.18 19.24 -22.70
N ARG A 348 26.40 20.04 -21.93
CA ARG A 348 26.33 19.78 -20.47
C ARG A 348 25.01 19.17 -19.92
N TYR A 349 24.74 17.90 -20.24
CA TYR A 349 23.66 17.15 -19.60
C TYR A 349 22.28 17.78 -19.96
N TRP A 350 21.55 18.38 -19.00
CA TRP A 350 20.23 18.97 -19.28
C TRP A 350 20.28 20.49 -19.52
N ARG A 351 21.45 21.02 -19.87
CA ARG A 351 21.61 22.45 -20.02
C ARG A 351 21.79 22.86 -21.50
N GLY A 352 21.17 22.14 -22.42
CA GLY A 352 21.35 22.42 -23.85
C GLY A 352 21.24 21.18 -24.74
N PRO A 353 21.91 20.08 -24.36
CA PRO A 353 21.91 18.89 -25.21
C PRO A 353 20.55 18.27 -25.54
N VAL A 354 20.54 17.54 -26.66
CA VAL A 354 19.38 16.76 -27.13
C VAL A 354 19.31 15.41 -26.43
N TRP A 355 18.09 15.04 -26.03
CA TRP A 355 17.82 13.79 -25.36
C TRP A 355 16.77 12.99 -26.14
N ILE A 356 16.99 11.70 -26.30
CA ILE A 356 16.15 10.87 -27.16
C ILE A 356 14.77 10.70 -26.56
N ASN A 357 14.72 10.44 -25.26
CA ASN A 357 13.40 10.30 -24.62
C ASN A 357 12.50 11.52 -24.72
N VAL A 358 13.07 12.72 -24.55
CA VAL A 358 12.30 13.96 -24.65
C VAL A 358 11.94 14.25 -26.12
N ASN A 359 12.84 14.03 -27.07
CA ASN A 359 12.44 14.10 -28.48
C ASN A 359 11.20 13.25 -28.76
N TRP A 360 11.20 12.03 -28.24
CA TRP A 360 10.13 11.09 -28.47
C TRP A 360 8.84 11.61 -27.85
N MET A 361 8.83 11.95 -26.55
CA MET A 361 7.58 12.47 -25.95
C MET A 361 7.04 13.71 -26.64
N VAL A 362 7.92 14.64 -26.96
CA VAL A 362 7.50 15.88 -27.58
C VAL A 362 7.01 15.67 -29.00
N ALA A 363 7.66 14.77 -29.75
CA ALA A 363 7.19 14.43 -31.10
C ALA A 363 5.81 13.81 -31.04
N GLU A 364 5.63 12.85 -30.12
CA GLU A 364 4.33 12.26 -29.88
C GLU A 364 3.29 13.37 -29.64
N GLY A 365 3.60 14.31 -28.78
CA GLY A 365 2.68 15.40 -28.49
C GLY A 365 2.37 16.28 -29.70
N PHE A 366 3.42 16.68 -30.43
CA PHE A 366 3.18 17.50 -31.61
C PHE A 366 2.31 16.78 -32.63
N ARG A 367 2.57 15.50 -32.83
CA ARG A 367 1.77 14.68 -33.77
C ARG A 367 0.31 14.69 -33.38
N ASP A 368 0.05 14.52 -32.09
CA ASP A 368 -1.32 14.60 -31.57
C ASP A 368 -2.06 15.90 -31.86
N TYR A 369 -1.32 17.00 -31.96
CA TYR A 369 -1.89 18.29 -32.27
C TYR A 369 -1.82 18.63 -33.79
N GLY A 370 -1.50 17.64 -34.59
CA GLY A 370 -1.50 17.82 -36.05
C GLY A 370 -0.20 18.38 -36.61
N PHE A 371 0.84 18.55 -35.79
CA PHE A 371 2.11 19.13 -36.29
C PHE A 371 3.00 18.01 -36.82
N ALA A 372 2.58 17.46 -37.95
CA ALA A 372 3.19 16.26 -38.50
C ALA A 372 4.64 16.52 -38.92
N ALA A 373 4.92 17.64 -39.60
CA ALA A 373 6.30 17.90 -40.03
C ALA A 373 7.25 18.09 -38.86
N LEU A 374 6.81 18.80 -37.82
CA LEU A 374 7.65 19.04 -36.67
C LEU A 374 7.92 17.73 -35.90
N ALA A 375 6.90 16.88 -35.73
CA ALA A 375 7.07 15.55 -35.15
C ALA A 375 8.07 14.70 -35.96
N ALA A 376 7.92 14.75 -37.28
CA ALA A 376 8.79 14.01 -38.16
C ALA A 376 10.25 14.46 -38.01
N ARG A 377 10.47 15.78 -37.86
CA ARG A 377 11.81 16.36 -37.72
C ARG A 377 12.41 15.89 -36.41
N LEU A 378 11.62 15.92 -35.34
CA LEU A 378 12.12 15.40 -34.08
C LEU A 378 12.56 13.94 -34.17
N LYS A 379 11.79 13.11 -34.87
CA LYS A 379 12.15 11.72 -35.05
C LYS A 379 13.40 11.60 -35.91
N ALA A 380 13.39 12.28 -37.06
CA ALA A 380 14.54 12.21 -38.00
C ALA A 380 15.85 12.63 -37.33
N ASP A 381 15.82 13.70 -36.53
CA ASP A 381 16.99 14.14 -35.78
C ASP A 381 17.42 13.11 -34.75
N ALA A 382 16.47 12.55 -33.96
CA ALA A 382 16.83 11.51 -33.01
C ALA A 382 17.48 10.31 -33.69
N LEU A 383 16.89 9.86 -34.80
CA LEU A 383 17.39 8.68 -35.49
C LEU A 383 18.76 8.93 -36.16
N ALA A 384 18.94 10.12 -36.75
CA ALA A 384 20.24 10.49 -37.36
C ALA A 384 21.37 10.53 -36.32
N LEU A 385 21.09 11.17 -35.18
CA LEU A 385 22.05 11.20 -34.10
C LEU A 385 22.45 9.78 -33.68
N MET A 386 21.50 8.85 -33.58
CA MET A 386 21.83 7.50 -33.14
C MET A 386 22.53 6.68 -34.23
N GLU A 387 22.19 6.92 -35.49
CA GLU A 387 22.87 6.28 -36.62
C GLU A 387 24.33 6.68 -36.65
N ARG A 388 24.56 7.97 -36.46
CA ARG A 388 25.90 8.57 -36.55
C ARG A 388 26.78 8.25 -35.37
N GLU A 389 26.21 8.32 -34.15
CA GLU A 389 26.97 8.30 -32.91
C GLU A 389 26.75 7.06 -32.04
N GLY A 390 25.78 6.23 -32.43
CA GLY A 390 25.37 5.12 -31.58
C GLY A 390 24.51 5.63 -30.43
N PHE A 391 24.31 4.76 -29.44
CA PHE A 391 23.32 4.99 -28.40
C PHE A 391 23.96 5.64 -27.19
N ARG A 392 23.79 6.95 -27.12
CA ARG A 392 24.41 7.76 -26.08
C ARG A 392 23.34 8.45 -25.26
N GLU A 393 23.75 8.96 -24.12
CA GLU A 393 22.82 9.62 -23.19
C GLU A 393 22.26 10.93 -23.73
N TYR A 394 23.12 11.77 -24.29
CA TYR A 394 22.64 13.05 -24.83
C TYR A 394 23.58 13.47 -25.94
N TYR A 395 23.18 14.50 -26.67
CA TYR A 395 23.87 14.89 -27.89
C TYR A 395 23.99 16.39 -27.98
N ASP A 396 25.16 16.83 -28.43
CA ASP A 396 25.40 18.24 -28.70
C ASP A 396 24.48 18.67 -29.86
N PRO A 397 23.64 19.70 -29.66
CA PRO A 397 22.68 20.10 -30.67
C PRO A 397 23.29 20.89 -31.83
N LEU A 398 24.55 21.28 -31.68
CA LEU A 398 25.25 22.10 -32.67
C LEU A 398 26.10 21.24 -33.60
N THR A 399 26.79 20.27 -33.00
CA THR A 399 27.70 19.35 -33.73
C THR A 399 27.17 17.94 -33.92
N GLY A 400 26.19 17.56 -33.10
CA GLY A 400 25.73 16.20 -33.07
C GLY A 400 26.59 15.24 -32.30
N GLN A 401 27.63 15.72 -31.62
CA GLN A 401 28.50 14.81 -30.85
C GLN A 401 27.73 14.09 -29.75
N GLY A 402 27.93 12.77 -29.68
CA GLY A 402 27.37 11.97 -28.59
C GLY A 402 28.12 12.26 -27.31
N ARG A 403 27.38 12.26 -26.20
CA ARG A 403 27.92 12.58 -24.90
C ARG A 403 27.35 11.66 -23.83
N GLY A 404 27.96 11.70 -22.65
CA GLY A 404 27.47 10.96 -21.49
C GLY A 404 27.63 9.47 -21.60
N GLY A 405 26.70 8.71 -21.00
CA GLY A 405 26.77 7.25 -21.01
C GLY A 405 26.86 6.61 -22.39
N GLU A 406 27.52 5.45 -22.42
CA GLU A 406 27.64 4.61 -23.61
C GLU A 406 26.69 3.45 -23.50
N GLY A 407 26.22 2.96 -24.65
CA GLY A 407 25.23 1.90 -24.68
C GLY A 407 24.04 2.31 -23.83
N PHE A 408 23.58 3.55 -24.05
CA PHE A 408 22.55 4.13 -23.22
C PHE A 408 21.20 3.52 -23.58
N SER A 409 20.63 2.84 -22.59
CA SER A 409 19.51 1.97 -22.82
C SER A 409 18.26 2.63 -23.36
N TRP A 410 17.84 3.78 -22.82
CA TRP A 410 16.57 4.32 -23.33
C TRP A 410 16.70 4.85 -24.75
N SER A 411 17.92 5.20 -25.15
CA SER A 411 18.16 5.62 -26.53
C SER A 411 17.95 4.43 -27.45
N ALA A 412 18.59 3.31 -27.09
CA ALA A 412 18.44 2.08 -27.83
C ALA A 412 16.98 1.64 -27.85
N ALA A 413 16.35 1.70 -26.68
CA ALA A 413 14.97 1.25 -26.58
C ALA A 413 14.03 2.08 -27.42
N LEU A 414 14.20 3.40 -27.41
CA LEU A 414 13.33 4.25 -28.20
C LEU A 414 13.67 4.22 -29.69
N ALA A 415 14.93 3.97 -30.06
CA ALA A 415 15.23 3.64 -31.46
C ALA A 415 14.38 2.46 -31.94
N LEU A 416 14.34 1.40 -31.13
CA LEU A 416 13.52 0.24 -31.47
C LEU A 416 12.04 0.58 -31.51
N PHE A 417 11.55 1.27 -30.48
CA PHE A 417 10.12 1.53 -30.41
C PHE A 417 9.64 2.49 -31.52
N TRP A 418 10.41 3.53 -31.77
CA TRP A 418 10.02 4.57 -32.70
C TRP A 418 10.01 4.10 -34.16
N THR A 419 10.76 3.03 -34.44
CA THR A 419 10.88 2.45 -35.78
C THR A 419 10.12 1.13 -35.92
N ARG A 420 9.18 0.88 -35.01
CA ARG A 420 8.45 -0.38 -35.02
C ARG A 420 7.51 -0.45 -36.21
N ALA B 2 4.16 -16.11 41.35
CA ALA B 2 2.82 -16.74 41.56
C ALA B 2 1.63 -15.76 41.44
N PRO B 3 1.80 -14.46 41.79
CA PRO B 3 0.68 -13.58 41.51
C PRO B 3 0.41 -13.48 40.00
N LEU B 4 -0.83 -13.15 39.66
CA LEU B 4 -1.30 -13.10 38.29
C LEU B 4 -0.38 -12.31 37.37
N ARG B 5 -0.04 -11.09 37.75
CA ARG B 5 0.73 -10.23 36.83
C ARG B 5 2.13 -10.79 36.60
N THR B 6 2.75 -11.30 37.66
CA THR B 6 4.06 -11.92 37.53
C THR B 6 4.04 -13.08 36.54
N LYS B 7 3.08 -13.97 36.70
CA LYS B 7 2.93 -15.08 35.78
C LYS B 7 2.62 -14.64 34.37
N ALA B 8 1.84 -13.56 34.23
CA ALA B 8 1.51 -13.04 32.90
C ALA B 8 2.74 -12.53 32.19
N VAL B 9 3.61 -11.80 32.91
CA VAL B 9 4.85 -11.31 32.32
C VAL B 9 5.69 -12.49 31.80
N GLU B 10 5.77 -13.55 32.60
CA GLU B 10 6.52 -14.73 32.17
C GLU B 10 6.03 -15.33 30.86
N VAL B 11 4.70 -15.36 30.67
CA VAL B 11 4.12 -15.90 29.45
C VAL B 11 4.58 -15.09 28.25
N LEU B 12 4.48 -13.77 28.35
CA LEU B 12 4.89 -12.89 27.25
C LEU B 12 6.40 -13.02 26.95
N GLN B 13 7.20 -13.03 28.00
CA GLN B 13 8.66 -13.19 27.82
C GLN B 13 9.02 -14.53 27.18
N ARG B 14 8.36 -15.59 27.62
CA ARG B 14 8.62 -16.93 27.08
C ARG B 14 8.20 -17.02 25.61
N ASN B 15 7.12 -16.29 25.24
CA ASN B 15 6.62 -16.32 23.88
C ASN B 15 7.25 -15.27 22.94
N SER B 16 8.13 -14.43 23.49
CA SER B 16 8.80 -13.42 22.68
C SER B 16 9.79 -14.02 21.73
N ARG B 17 9.78 -13.53 20.50
CA ARG B 17 10.73 -13.92 19.46
C ARG B 17 11.44 -12.69 18.90
N GLY B 18 12.14 -11.99 19.78
CA GLY B 18 12.72 -10.71 19.47
C GLY B 18 11.63 -9.67 19.51
N ALA B 19 11.24 -9.19 18.35
CA ALA B 19 10.32 -8.04 18.26
C ALA B 19 8.85 -8.43 18.24
N PHE B 20 8.54 -9.72 18.06
CA PHE B 20 7.14 -10.17 18.00
C PHE B 20 6.93 -11.31 18.99
N THR B 21 5.66 -11.55 19.33
CA THR B 21 5.27 -12.53 20.29
C THR B 21 4.45 -13.61 19.61
N VAL B 22 4.79 -14.88 19.80
CA VAL B 22 3.88 -15.95 19.30
C VAL B 22 2.59 -16.00 20.16
N PRO B 23 1.48 -16.46 19.57
CA PRO B 23 0.20 -16.48 20.30
C PRO B 23 0.05 -17.44 21.47
N ALA B 24 0.93 -18.45 21.59
CA ALA B 24 0.77 -19.48 22.60
C ALA B 24 2.04 -20.30 22.71
N HIS B 25 2.21 -20.92 23.86
CA HIS B 25 3.34 -21.82 24.10
C HIS B 25 3.39 -22.86 23.00
N GLY B 26 4.59 -23.14 22.50
CA GLY B 26 4.78 -24.27 21.61
C GLY B 26 4.55 -24.06 20.13
N LEU B 27 4.22 -22.83 19.72
CA LEU B 27 3.98 -22.58 18.31
C LEU B 27 5.26 -22.18 17.59
N TYR B 28 5.24 -22.33 16.28
CA TYR B 28 6.35 -21.88 15.45
C TYR B 28 6.47 -20.35 15.49
N PRO B 29 7.61 -19.82 15.01
CA PRO B 29 7.81 -18.38 15.15
C PRO B 29 7.08 -17.64 14.05
N TYR B 30 5.76 -17.60 14.19
CA TYR B 30 4.92 -16.86 13.26
C TYR B 30 4.17 -15.79 14.05
N GLN B 31 3.94 -14.65 13.42
CA GLN B 31 3.26 -13.51 14.04
C GLN B 31 1.82 -13.36 13.50
N TRP B 32 0.90 -13.15 14.42
CA TRP B 32 -0.50 -13.00 14.04
C TRP B 32 -0.91 -11.53 14.20
N LEU B 33 -1.60 -11.02 13.19
CA LEU B 33 -2.11 -9.64 13.17
CA LEU B 33 -2.11 -9.63 13.18
C LEU B 33 -2.96 -9.28 14.40
N TRP B 34 -3.99 -10.08 14.66
CA TRP B 34 -4.95 -9.74 15.70
C TRP B 34 -4.32 -9.91 17.07
N ASP B 35 -3.64 -11.05 17.26
CA ASP B 35 -3.03 -11.32 18.50
C ASP B 35 -2.00 -10.28 18.90
N SER B 36 -1.15 -9.88 17.96
CA SER B 36 -0.12 -8.92 18.24
C SER B 36 -0.67 -7.60 18.74
N ALA B 37 -1.84 -7.19 18.25
CA ALA B 37 -2.43 -5.95 18.69
C ALA B 37 -2.76 -6.00 20.20
N PHE B 38 -3.45 -7.06 20.65
CA PHE B 38 -3.77 -7.20 22.07
C PHE B 38 -2.48 -7.35 22.87
N ILE B 39 -1.55 -8.13 22.34
CA ILE B 39 -0.31 -8.42 23.04
C ILE B 39 0.50 -7.15 23.30
N ALA B 40 0.52 -6.21 22.34
CA ALA B 40 1.21 -4.96 22.57
C ALA B 40 0.69 -4.25 23.82
N LEU B 41 -0.61 -4.32 24.11
CA LEU B 41 -1.13 -3.72 25.32
C LEU B 41 -0.51 -4.33 26.57
N GLY B 42 -0.31 -5.65 26.56
CA GLY B 42 0.40 -6.31 27.67
C GLY B 42 1.80 -5.80 27.87
N TRP B 43 2.54 -5.65 26.78
CA TRP B 43 3.92 -5.18 26.86
C TRP B 43 4.04 -3.78 27.48
N THR B 44 3.00 -2.96 27.43
CA THR B 44 3.07 -1.64 28.08
C THR B 44 3.34 -1.75 29.57
N GLN B 45 3.02 -2.91 30.14
CA GLN B 45 3.23 -3.15 31.57
C GLN B 45 4.62 -3.68 31.86
N VAL B 46 5.42 -3.85 30.84
CA VAL B 46 6.74 -4.43 30.95
C VAL B 46 7.81 -3.51 30.36
N ASP B 47 7.63 -3.05 29.13
CA ASP B 47 8.69 -2.41 28.37
C ASP B 47 7.97 -1.68 27.22
N TRP B 48 7.85 -0.36 27.32
CA TRP B 48 7.12 0.44 26.32
C TRP B 48 7.74 0.33 24.93
N GLU B 49 9.07 0.30 24.87
CA GLU B 49 9.68 0.14 23.55
C GLU B 49 9.29 -1.19 22.91
N ARG B 50 9.29 -2.24 23.71
CA ARG B 50 8.92 -3.54 23.24
C ARG B 50 7.45 -3.60 22.77
N ALA B 51 6.57 -2.87 23.43
CA ALA B 51 5.17 -2.78 23.01
C ALA B 51 5.07 -2.20 21.58
N TRP B 52 5.78 -1.08 21.34
CA TRP B 52 5.82 -0.50 20.01
C TRP B 52 6.41 -1.46 18.99
N GLN B 53 7.49 -2.15 19.38
CA GLN B 53 8.16 -3.03 18.45
C GLN B 53 7.30 -4.17 17.95
N GLU B 54 6.39 -4.69 18.77
CA GLU B 54 5.45 -5.72 18.32
C GLU B 54 4.71 -5.27 17.05
N LEU B 55 4.27 -4.02 17.04
CA LEU B 55 3.50 -3.53 15.91
C LEU B 55 4.38 -3.07 14.76
N LEU B 56 5.52 -2.45 15.04
CA LEU B 56 6.46 -2.11 13.95
C LEU B 56 6.87 -3.37 13.20
N CYS B 57 7.08 -4.45 13.92
CA CYS B 57 7.44 -5.75 13.30
C CYS B 57 6.36 -6.27 12.37
N LEU B 58 5.10 -6.19 12.83
CA LEU B 58 3.97 -6.62 12.05
C LEU B 58 3.90 -5.88 10.72
N PHE B 59 4.00 -4.55 10.78
CA PHE B 59 3.86 -3.73 9.61
C PHE B 59 5.09 -3.87 8.70
N ASP B 60 6.29 -3.82 9.30
CA ASP B 60 7.52 -3.78 8.51
C ASP B 60 7.73 -5.07 7.70
N TYR B 61 7.39 -6.22 8.30
CA TYR B 61 7.50 -7.52 7.64
C TYR B 61 6.22 -8.04 6.99
N GLY B 62 5.07 -7.50 7.38
CA GLY B 62 3.82 -8.07 6.96
C GLY B 62 3.11 -7.31 5.87
N GLN B 63 3.25 -5.99 5.85
CA GLN B 63 2.39 -5.18 4.98
C GLN B 63 2.82 -5.19 3.51
N GLY B 64 1.85 -5.44 2.63
CA GLY B 64 2.05 -5.33 1.18
C GLY B 64 2.01 -3.93 0.60
N PRO B 65 2.39 -3.81 -0.68
CA PRO B 65 2.49 -2.54 -1.36
C PRO B 65 1.11 -1.91 -1.68
N ASP B 66 0.09 -2.73 -1.52
CA ASP B 66 -1.32 -2.36 -1.65
C ASP B 66 -1.92 -1.93 -0.30
N GLY B 67 -1.13 -1.94 0.77
CA GLY B 67 -1.62 -1.71 2.13
C GLY B 67 -2.14 -2.89 2.93
N MET B 68 -2.36 -4.02 2.29
CA MET B 68 -2.86 -5.19 2.97
C MET B 68 -2.01 -5.73 4.12
N LEU B 69 -2.63 -6.00 5.26
CA LEU B 69 -1.97 -6.65 6.39
C LEU B 69 -2.51 -8.05 6.48
N PRO B 70 -1.61 -9.06 6.45
CA PRO B 70 -2.01 -10.45 6.49
C PRO B 70 -2.27 -10.96 7.90
N HIS B 71 -3.11 -11.98 8.04
CA HIS B 71 -3.42 -12.46 9.36
C HIS B 71 -2.24 -13.19 10.01
N ILE B 72 -1.34 -13.73 9.20
CA ILE B 72 -0.10 -14.36 9.71
C ILE B 72 1.10 -13.91 8.90
N VAL B 73 2.19 -13.59 9.59
CA VAL B 73 3.47 -13.33 8.96
C VAL B 73 4.33 -14.52 9.36
N PHE B 74 4.80 -15.26 8.37
CA PHE B 74 5.58 -16.49 8.66
C PHE B 74 7.07 -16.18 8.80
N HIS B 75 7.44 -15.60 9.93
CA HIS B 75 8.79 -15.11 10.11
C HIS B 75 9.84 -16.23 10.00
N GLU B 76 9.54 -17.36 10.65
CA GLU B 76 10.41 -18.54 10.74
CA GLU B 76 10.43 -18.53 10.73
C GLU B 76 11.66 -18.31 11.58
N GLN B 77 11.75 -17.16 12.25
CA GLN B 77 12.89 -16.82 13.08
C GLN B 77 12.50 -15.68 13.97
N SER B 78 13.34 -15.39 14.97
CA SER B 78 13.17 -14.19 15.74
C SER B 78 13.54 -12.96 14.89
N ARG B 79 13.04 -11.78 15.32
CA ARG B 79 13.25 -10.53 14.61
C ARG B 79 13.89 -9.47 15.47
N ASP B 80 14.85 -8.77 14.87
CA ASP B 80 15.49 -7.59 15.49
C ASP B 80 14.48 -6.44 15.57
N TYR B 81 14.69 -5.53 16.51
CA TYR B 81 13.91 -4.28 16.59
C TYR B 81 14.09 -3.47 15.32
N PHE B 82 13.10 -2.63 15.03
CA PHE B 82 13.14 -1.74 13.86
C PHE B 82 14.24 -0.71 14.08
N PRO B 83 15.20 -0.59 13.14
CA PRO B 83 16.36 0.29 13.37
C PRO B 83 16.17 1.75 12.92
N GLY B 84 14.98 2.10 12.45
CA GLY B 84 14.72 3.44 11.93
C GLY B 84 14.82 3.46 10.42
N PRO B 85 14.15 4.44 9.78
CA PRO B 85 14.08 4.56 8.31
C PRO B 85 15.37 4.19 7.55
N TRP B 88 16.80 1.20 7.75
CA TRP B 88 15.80 0.26 7.24
C TRP B 88 15.84 0.15 5.72
N GLY B 89 15.72 1.29 5.03
CA GLY B 89 15.62 1.31 3.57
C GLY B 89 16.95 1.34 2.83
N ARG B 90 18.05 1.48 3.58
CA ARG B 90 19.41 1.66 3.03
C ARG B 90 20.21 0.37 2.92
N GLU B 91 19.59 -0.75 3.27
CA GLU B 91 20.21 -2.05 3.14
C GLU B 91 19.17 -3.09 2.71
N ALA B 92 19.64 -4.19 2.11
CA ALA B 92 18.79 -5.31 1.72
C ALA B 92 18.40 -6.08 2.98
N ARG B 93 17.13 -6.46 3.06
CA ARG B 93 16.60 -7.13 4.24
C ARG B 93 15.67 -8.26 3.78
N ALA B 94 15.08 -8.94 4.77
CA ALA B 94 14.24 -10.11 4.52
C ALA B 94 12.76 -9.73 4.45
N GLN B 95 12.09 -10.33 3.49
CA GLN B 95 10.65 -10.29 3.42
C GLN B 95 10.10 -11.72 3.57
N PRO B 96 9.56 -12.06 4.76
CA PRO B 96 9.03 -13.39 4.96
C PRO B 96 7.75 -13.66 4.15
N ALA B 97 7.37 -14.93 4.01
CA ALA B 97 6.08 -15.29 3.44
C ALA B 97 5.00 -14.81 4.41
N THR B 98 3.82 -14.57 3.88
CA THR B 98 2.67 -14.13 4.69
C THR B 98 1.45 -14.84 4.17
N SER B 99 0.39 -14.87 4.96
CA SER B 99 -0.89 -15.35 4.44
C SER B 99 -1.47 -14.38 3.42
N GLY B 100 -2.54 -14.77 2.75
CA GLY B 100 -3.17 -13.94 1.74
C GLY B 100 -4.58 -13.46 2.16
N ILE B 101 -4.90 -13.66 3.43
CA ILE B 101 -6.17 -13.18 4.01
C ILE B 101 -5.83 -12.31 5.23
N THR B 102 -6.80 -11.54 5.70
CA THR B 102 -6.61 -10.63 6.82
C THR B 102 -7.37 -11.10 8.08
N GLN B 103 -7.38 -10.28 9.15
CA GLN B 103 -8.10 -10.59 10.39
C GLN B 103 -8.49 -9.25 11.06
N PRO B 104 -9.24 -9.28 12.15
CA PRO B 104 -9.84 -8.01 12.59
C PRO B 104 -8.84 -6.88 12.92
N PRO B 105 -9.14 -5.67 12.42
CA PRO B 105 -8.16 -4.59 12.45
C PRO B 105 -8.24 -3.75 13.72
N VAL B 106 -7.94 -4.35 14.87
CA VAL B 106 -7.96 -3.63 16.11
C VAL B 106 -6.70 -2.73 16.27
N VAL B 107 -5.75 -2.87 15.35
CA VAL B 107 -4.46 -2.27 15.55
C VAL B 107 -4.43 -0.73 15.69
N ALA B 108 -5.24 0.00 14.94
CA ALA B 108 -5.23 1.48 15.09
C ALA B 108 -5.64 1.92 16.50
N THR B 109 -6.57 1.18 17.11
CA THR B 109 -6.99 1.44 18.47
C THR B 109 -5.82 1.29 19.45
N VAL B 110 -5.04 0.23 19.25
CA VAL B 110 -3.89 -0.01 20.11
C VAL B 110 -2.82 1.04 19.88
N VAL B 111 -2.55 1.38 18.63
CA VAL B 111 -1.56 2.40 18.34
C VAL B 111 -1.97 3.74 18.94
N ARG B 112 -3.24 4.11 18.91
CA ARG B 112 -3.66 5.36 19.54
C ARG B 112 -3.37 5.34 21.06
N TYR B 113 -3.67 4.24 21.76
CA TYR B 113 -3.36 4.10 23.20
C TYR B 113 -1.84 4.21 23.45
N LEU B 114 -1.05 3.47 22.69
CA LEU B 114 0.40 3.57 22.86
C LEU B 114 0.87 5.00 22.63
N TYR B 115 0.34 5.64 21.59
CA TYR B 115 0.71 7.03 21.31
C TYR B 115 0.38 7.98 22.47
N GLU B 116 -0.84 7.91 22.98
CA GLU B 116 -1.30 8.79 24.04
C GLU B 116 -0.61 8.56 25.40
N LYS B 117 -0.28 7.30 25.71
CA LYS B 117 0.13 6.92 27.07
C LYS B 117 1.62 6.63 27.25
N ASP B 118 2.40 6.57 26.16
CA ASP B 118 3.85 6.31 26.29
C ASP B 118 4.45 7.45 27.13
N PRO B 119 5.18 7.12 28.23
CA PRO B 119 5.81 8.22 28.98
C PRO B 119 6.88 9.00 28.22
N ASP B 120 7.50 8.39 27.21
CA ASP B 120 8.49 9.05 26.39
C ASP B 120 7.78 9.66 25.19
N ARG B 121 7.52 10.97 25.27
CA ARG B 121 6.75 11.66 24.25
C ARG B 121 7.48 11.76 22.93
N ASP B 122 8.82 11.87 22.95
CA ASP B 122 9.54 11.90 21.68
C ASP B 122 9.41 10.56 20.95
N ARG B 123 9.50 9.46 21.69
CA ARG B 123 9.33 8.13 21.10
C ARG B 123 7.90 8.00 20.55
N ALA B 124 6.92 8.44 21.33
CA ALA B 124 5.50 8.32 20.91
C ALA B 124 5.28 8.99 19.56
N ARG B 125 5.80 10.21 19.42
CA ARG B 125 5.68 10.94 18.15
C ARG B 125 6.37 10.24 17.00
N GLU B 126 7.61 9.80 17.21
CA GLU B 126 8.34 9.13 16.15
C GLU B 126 7.62 7.87 15.67
N ARG B 127 7.21 7.02 16.62
CA ARG B 127 6.59 5.74 16.28
C ARG B 127 5.21 5.96 15.63
N ALA B 128 4.43 6.87 16.19
CA ALA B 128 3.08 7.13 15.65
C ALA B 128 3.13 7.76 14.27
N ARG B 129 4.01 8.74 14.06
CA ARG B 129 4.19 9.31 12.72
C ARG B 129 4.63 8.28 11.70
N TYR B 130 5.44 7.33 12.13
CA TYR B 130 5.89 6.24 11.25
C TYR B 130 4.76 5.26 10.90
N LEU B 131 3.95 4.93 11.90
CA LEU B 131 2.88 3.97 11.72
C LEU B 131 1.65 4.59 11.03
N PHE B 132 1.41 5.88 11.25
CA PHE B 132 0.14 6.46 10.81
C PHE B 132 -0.19 6.18 9.31
N PRO B 133 0.75 6.44 8.38
CA PRO B 133 0.45 6.22 6.96
C PRO B 133 0.23 4.76 6.61
N LYS B 134 0.87 3.87 7.36
CA LYS B 134 0.72 2.44 7.19
C LYS B 134 -0.64 1.97 7.67
N LEU B 135 -1.11 2.47 8.82
CA LEU B 135 -2.49 2.21 9.27
C LEU B 135 -3.48 2.70 8.22
N LEU B 136 -3.26 3.92 7.76
CA LEU B 136 -4.14 4.54 6.78
C LEU B 136 -4.19 3.69 5.52
N ALA B 137 -3.02 3.19 5.08
CA ALA B 137 -2.97 2.31 3.91
C ALA B 137 -3.69 0.95 4.11
N PHE B 138 -3.70 0.43 5.36
CA PHE B 138 -4.38 -0.84 5.66
C PHE B 138 -5.90 -0.62 5.65
N HIS B 139 -6.35 0.44 6.30
CA HIS B 139 -7.78 0.74 6.28
C HIS B 139 -8.23 0.97 4.82
N ARG B 140 -7.41 1.69 4.03
CA ARG B 140 -7.75 1.95 2.65
C ARG B 140 -7.88 0.65 1.86
N TRP B 141 -6.95 -0.26 2.07
CA TRP B 141 -7.00 -1.55 1.41
C TRP B 141 -8.31 -2.27 1.76
N LEU B 142 -8.67 -2.24 3.05
CA LEU B 142 -9.89 -2.90 3.50
C LEU B 142 -11.10 -2.38 2.75
N TYR B 143 -11.25 -1.06 2.68
CA TYR B 143 -12.42 -0.50 2.06
C TYR B 143 -12.38 -0.72 0.54
N HIS B 144 -11.21 -0.51 -0.07
CA HIS B 144 -11.14 -0.61 -1.52
C HIS B 144 -11.27 -2.06 -2.03
N ALA B 145 -10.75 -3.00 -1.28
CA ALA B 145 -10.89 -4.40 -1.66
C ALA B 145 -12.19 -5.07 -1.23
N ARG B 146 -12.67 -4.73 -0.04
CA ARG B 146 -13.76 -5.46 0.62
C ARG B 146 -15.08 -4.65 0.68
N ASP B 147 -15.03 -3.41 0.24
CA ASP B 147 -16.25 -2.56 0.15
C ASP B 147 -16.20 -1.76 -1.13
N PRO B 148 -16.15 -2.45 -2.27
CA PRO B 148 -16.00 -1.75 -3.54
C PRO B 148 -17.13 -0.82 -3.92
N TYR B 149 -18.34 -1.07 -3.41
CA TYR B 149 -19.50 -0.25 -3.70
C TYR B 149 -19.71 0.88 -2.68
N ARG B 150 -18.75 1.05 -1.76
CA ARG B 150 -18.78 2.14 -0.79
C ARG B 150 -20.07 2.12 -0.02
N THR B 151 -20.40 0.93 0.47
CA THR B 151 -21.54 0.72 1.40
C THR B 151 -21.26 1.22 2.82
N GLY B 152 -19.99 1.24 3.22
CA GLY B 152 -19.61 1.45 4.63
C GLY B 152 -19.35 0.18 5.41
N LEU B 153 -19.62 -0.99 4.79
CA LEU B 153 -19.41 -2.25 5.43
C LEU B 153 -18.43 -3.05 4.59
N VAL B 154 -17.54 -3.75 5.26
CA VAL B 154 -16.58 -4.64 4.53
C VAL B 154 -17.01 -6.09 4.63
N VAL B 155 -16.67 -6.86 3.60
CA VAL B 155 -16.83 -8.30 3.63
C VAL B 155 -15.56 -9.07 3.99
N ILE B 156 -15.78 -10.18 4.68
CA ILE B 156 -14.77 -11.26 4.78
C ILE B 156 -15.10 -12.30 3.73
N VAL B 157 -14.06 -12.82 3.09
CA VAL B 157 -14.21 -13.91 2.09
C VAL B 157 -13.77 -15.27 2.60
N HIS B 158 -13.43 -15.35 3.88
CA HIS B 158 -13.09 -16.57 4.50
C HIS B 158 -13.48 -16.46 5.97
N PRO B 159 -14.10 -17.51 6.55
CA PRO B 159 -14.42 -17.46 7.99
C PRO B 159 -13.19 -17.20 8.87
N TRP B 160 -11.98 -17.63 8.45
CA TRP B 160 -10.79 -17.35 9.23
C TRP B 160 -10.61 -15.84 9.44
N GLU B 161 -11.07 -15.03 8.52
CA GLU B 161 -10.85 -13.58 8.61
C GLU B 161 -11.60 -12.91 9.76
N SER B 162 -12.66 -13.56 10.26
CA SER B 162 -13.36 -13.08 11.44
C SER B 162 -12.54 -13.17 12.70
N GLY B 163 -11.51 -14.04 12.67
CA GLY B 163 -10.81 -14.42 13.83
C GLY B 163 -11.56 -15.39 14.74
N MET B 164 -12.78 -15.80 14.31
CA MET B 164 -13.70 -16.61 15.10
C MET B 164 -14.07 -17.79 14.21
N ASP B 165 -13.05 -18.57 13.94
CA ASP B 165 -13.02 -19.47 12.80
C ASP B 165 -14.30 -20.29 12.62
N ASN B 166 -14.75 -20.94 13.69
CA ASN B 166 -15.89 -21.85 13.58
C ASN B 166 -17.11 -21.35 14.28
N SER B 167 -17.26 -20.01 14.31
CA SER B 167 -18.47 -19.41 14.85
C SER B 167 -19.67 -20.10 14.20
N PRO B 168 -20.71 -20.42 14.96
CA PRO B 168 -21.91 -20.98 14.33
C PRO B 168 -22.59 -20.05 13.31
N ALA B 169 -22.30 -18.75 13.38
CA ALA B 169 -22.74 -17.88 12.28
C ALA B 169 -22.29 -18.27 10.88
N TRP B 170 -21.13 -18.91 10.77
CA TRP B 170 -20.59 -19.20 9.47
C TRP B 170 -21.11 -20.55 8.91
N ASP B 171 -21.86 -21.31 9.70
CA ASP B 171 -22.28 -22.67 9.27
C ASP B 171 -23.05 -22.62 7.96
N LYS B 172 -24.13 -21.82 7.90
CA LYS B 172 -24.91 -21.82 6.65
C LYS B 172 -24.14 -21.26 5.46
N PRO B 173 -23.43 -20.13 5.62
CA PRO B 173 -22.66 -19.65 4.48
C PRO B 173 -21.57 -20.64 4.03
N LEU B 174 -20.91 -21.28 4.99
CA LEU B 174 -19.85 -22.23 4.64
C LEU B 174 -20.42 -23.45 3.88
N SER B 175 -21.62 -23.88 4.26
CA SER B 175 -22.31 -25.03 3.63
C SER B 175 -22.56 -24.85 2.12
N ARG B 176 -22.53 -23.61 1.65
CA ARG B 176 -22.75 -23.26 0.25
C ARG B 176 -21.48 -23.20 -0.58
N VAL B 177 -20.32 -23.41 0.02
CA VAL B 177 -19.07 -23.33 -0.70
C VAL B 177 -18.86 -24.66 -1.42
N PRO B 178 -18.76 -24.62 -2.77
CA PRO B 178 -18.58 -25.87 -3.52
C PRO B 178 -17.23 -26.49 -3.21
N VAL B 179 -17.26 -27.71 -2.70
CA VAL B 179 -16.03 -28.46 -2.43
C VAL B 179 -15.35 -28.83 -3.76
N GLU B 180 -14.14 -28.31 -3.96
CA GLU B 180 -13.28 -28.72 -5.07
C GLU B 180 -12.82 -30.18 -4.89
N ASN B 181 -12.41 -30.82 -6.00
CA ASN B 181 -11.91 -32.20 -5.95
C ASN B 181 -10.54 -32.20 -5.28
N LEU B 182 -10.53 -32.19 -3.96
CA LEU B 182 -9.30 -31.91 -3.22
C LEU B 182 -8.50 -33.18 -3.05
N PRO B 183 -7.18 -33.11 -3.25
CA PRO B 183 -6.39 -34.25 -2.82
C PRO B 183 -6.50 -34.44 -1.33
N PRO B 184 -6.17 -35.63 -0.82
CA PRO B 184 -6.07 -35.79 0.63
C PRO B 184 -5.02 -34.83 1.22
N TYR B 185 -5.26 -34.37 2.43
CA TYR B 185 -4.33 -33.43 3.09
C TYR B 185 -4.44 -33.58 4.59
N GLU B 186 -3.37 -33.24 5.29
CA GLU B 186 -3.36 -33.28 6.74
C GLU B 186 -4.06 -32.01 7.21
N ARG B 187 -4.92 -32.15 8.20
CA ARG B 187 -5.67 -30.99 8.68
C ARG B 187 -4.78 -30.15 9.64
N ARG B 188 -3.68 -29.62 9.12
CA ARG B 188 -2.69 -28.90 9.92
C ARG B 188 -3.31 -27.63 10.49
N ASP B 189 -2.87 -27.26 11.68
CA ASP B 189 -3.34 -26.03 12.33
C ASP B 189 -2.18 -25.38 13.04
N VAL B 190 -1.61 -24.33 12.45
CA VAL B 190 -0.41 -23.70 13.01
C VAL B 190 -0.66 -22.87 14.26
N LYS B 191 -1.92 -22.74 14.68
CA LYS B 191 -2.19 -21.98 15.90
C LYS B 191 -2.46 -22.87 17.07
N HIS B 192 -2.50 -24.19 16.86
CA HIS B 192 -2.82 -25.11 17.95
C HIS B 192 -1.80 -26.25 18.00
N VAL B 193 -1.19 -26.41 19.16
CA VAL B 193 -0.27 -27.52 19.48
C VAL B 193 -1.00 -28.86 19.56
N ASN B 194 -2.21 -28.88 20.11
CA ASN B 194 -2.98 -30.13 20.23
C ASN B 194 -3.71 -30.57 18.93
N PRO B 195 -3.35 -31.75 18.37
CA PRO B 195 -4.06 -32.18 17.15
C PRO B 195 -5.57 -32.41 17.29
N GLU B 196 -6.07 -32.67 18.50
CA GLU B 196 -7.52 -32.81 18.73
C GLU B 196 -8.30 -31.53 18.33
N GLU B 197 -7.63 -30.38 18.39
CA GLU B 197 -8.28 -29.09 18.17
C GLU B 197 -8.24 -28.63 16.71
N ARG B 198 -7.67 -29.45 15.84
CA ARG B 198 -7.68 -29.17 14.41
C ARG B 198 -9.13 -29.15 13.94
N PRO B 199 -9.42 -28.38 12.88
CA PRO B 199 -10.79 -28.36 12.38
C PRO B 199 -11.23 -29.71 11.83
N ARG B 200 -12.51 -30.00 11.94
CA ARG B 200 -13.09 -31.22 11.37
C ARG B 200 -13.02 -31.13 9.85
N LYS B 201 -13.02 -32.28 9.18
CA LYS B 201 -12.82 -32.31 7.72
C LYS B 201 -13.88 -31.59 6.88
N GLU B 202 -15.16 -31.66 7.25
CA GLU B 202 -16.18 -31.04 6.36
C GLU B 202 -15.93 -29.52 6.31
N ASP B 203 -15.60 -28.97 7.46
CA ASP B 203 -15.16 -27.57 7.57
C ASP B 203 -13.87 -27.28 6.85
N TYR B 204 -12.84 -28.10 7.07
CA TYR B 204 -11.55 -27.85 6.44
C TYR B 204 -11.64 -27.99 4.93
N ASP B 205 -12.44 -28.92 4.45
CA ASP B 205 -12.60 -29.03 2.99
C ASP B 205 -13.10 -27.71 2.38
N ARG B 206 -13.98 -27.01 3.08
CA ARG B 206 -14.53 -25.77 2.55
C ARG B 206 -13.52 -24.62 2.75
N TYR B 207 -12.86 -24.59 3.90
CA TYR B 207 -11.76 -23.63 4.15
C TYR B 207 -10.75 -23.69 3.01
N LEU B 208 -10.37 -24.91 2.65
CA LEU B 208 -9.35 -25.09 1.64
C LEU B 208 -9.86 -24.81 0.21
N SER B 209 -11.11 -25.16 -0.10
CA SER B 209 -11.69 -24.76 -1.40
C SER B 209 -11.59 -23.28 -1.73
N LEU B 210 -11.94 -22.47 -0.72
CA LEU B 210 -11.82 -21.03 -0.80
C LEU B 210 -10.40 -20.60 -1.16
N LEU B 211 -9.43 -21.12 -0.43
CA LEU B 211 -8.01 -20.80 -0.69
C LEU B 211 -7.60 -21.11 -2.13
N TYR B 212 -8.02 -22.28 -2.62
CA TYR B 212 -7.78 -22.67 -4.02
C TYR B 212 -8.38 -21.69 -4.99
N LEU B 213 -9.61 -21.28 -4.71
CA LEU B 213 -10.30 -20.29 -5.51
C LEU B 213 -9.50 -19.00 -5.55
N PHE B 214 -9.05 -18.52 -4.38
CA PHE B 214 -8.27 -17.29 -4.35
C PHE B 214 -6.97 -17.42 -5.15
N ARG B 215 -6.33 -18.58 -5.04
CA ARG B 215 -5.06 -18.83 -5.77
C ARG B 215 -5.29 -18.80 -7.30
N ARG B 216 -6.30 -19.54 -7.76
CA ARG B 216 -6.68 -19.53 -9.16
C ARG B 216 -6.95 -18.11 -9.68
N LEU B 217 -7.65 -17.31 -8.89
CA LEU B 217 -7.96 -15.93 -9.27
C LEU B 217 -6.79 -14.99 -9.01
N GLU B 218 -5.67 -15.56 -8.59
CA GLU B 218 -4.41 -14.84 -8.43
C GLU B 218 -4.49 -13.72 -7.42
N TYR B 219 -5.27 -13.99 -6.39
CA TYR B 219 -5.54 -13.02 -5.33
C TYR B 219 -5.98 -11.63 -5.84
N ASP B 220 -6.66 -11.61 -6.99
CA ASP B 220 -7.16 -10.37 -7.58
C ASP B 220 -8.37 -9.94 -6.76
N PRO B 221 -8.31 -8.77 -6.10
CA PRO B 221 -9.46 -8.46 -5.22
C PRO B 221 -10.81 -8.33 -5.94
N ARG B 222 -10.79 -7.73 -7.12
CA ARG B 222 -12.04 -7.51 -7.85
C ARG B 222 -12.71 -8.84 -8.20
N GLU B 223 -11.93 -9.79 -8.73
CA GLU B 223 -12.48 -11.08 -9.08
C GLU B 223 -12.92 -11.89 -7.89
N ILE B 224 -12.13 -11.87 -6.83
CA ILE B 224 -12.50 -12.63 -5.66
C ILE B 224 -13.76 -12.06 -5.02
N TYR B 225 -13.88 -10.74 -5.00
CA TYR B 225 -15.11 -10.11 -4.48
C TYR B 225 -16.32 -10.57 -5.31
N ARG B 226 -16.16 -10.60 -6.62
CA ARG B 226 -17.20 -11.11 -7.52
C ARG B 226 -17.54 -12.60 -7.28
N GLN B 227 -16.51 -13.45 -7.25
CA GLN B 227 -16.74 -14.89 -7.34
C GLN B 227 -16.78 -15.67 -6.04
N SER B 228 -16.31 -15.11 -4.92
CA SER B 228 -16.22 -15.93 -3.74
C SER B 228 -17.56 -16.40 -3.34
N PRO B 229 -17.71 -17.70 -3.07
CA PRO B 229 -18.98 -18.23 -2.60
C PRO B 229 -19.20 -18.09 -1.11
N PHE B 230 -18.20 -17.51 -0.41
CA PHE B 230 -18.32 -17.08 0.98
C PHE B 230 -18.06 -15.58 0.98
N LYS B 231 -19.10 -14.80 1.25
CA LYS B 231 -18.98 -13.35 1.33
CA LYS B 231 -18.98 -13.34 1.32
C LYS B 231 -19.91 -12.84 2.41
N VAL B 232 -19.33 -12.43 3.53
CA VAL B 232 -20.09 -12.18 4.74
C VAL B 232 -19.68 -10.81 5.29
N VAL B 233 -20.67 -9.99 5.63
CA VAL B 233 -20.45 -8.81 6.46
C VAL B 233 -20.46 -9.27 7.90
N ASP B 234 -19.26 -9.44 8.46
CA ASP B 234 -19.08 -9.88 9.80
C ASP B 234 -19.23 -8.67 10.74
N VAL B 235 -20.19 -8.77 11.65
CA VAL B 235 -20.41 -7.69 12.63
C VAL B 235 -19.18 -7.45 13.49
N GLY B 236 -18.46 -8.52 13.84
CA GLY B 236 -17.24 -8.41 14.65
C GLY B 236 -16.16 -7.61 13.91
N PHE B 237 -15.81 -8.06 12.71
CA PHE B 237 -14.82 -7.39 11.90
C PHE B 237 -15.19 -5.92 11.72
N ASN B 238 -16.44 -5.66 11.38
CA ASN B 238 -16.86 -4.29 11.09
C ASN B 238 -16.93 -3.41 12.31
N ALA B 239 -17.36 -3.97 13.43
CA ALA B 239 -17.33 -3.21 14.67
C ALA B 239 -15.91 -2.78 15.05
N ILE B 240 -14.99 -3.71 14.99
CA ILE B 240 -13.60 -3.48 15.31
C ILE B 240 -13.03 -2.45 14.35
N LEU B 241 -13.35 -2.58 13.07
CA LEU B 241 -12.90 -1.61 12.07
C LEU B 241 -13.45 -0.19 12.32
N GLN B 242 -14.71 -0.09 12.64
CA GLN B 242 -15.28 1.24 12.92
C GLN B 242 -14.61 1.88 14.15
N ARG B 243 -14.42 1.14 15.23
CA ARG B 243 -13.68 1.65 16.38
C ARG B 243 -12.29 2.13 15.95
N ALA B 244 -11.64 1.30 15.14
CA ALA B 244 -10.33 1.61 14.64
C ALA B 244 -10.33 2.89 13.78
N ASN B 245 -11.34 3.04 12.93
CA ASN B 245 -11.51 4.28 12.16
C ASN B 245 -11.59 5.51 13.07
N ARG B 246 -12.40 5.41 14.10
CA ARG B 246 -12.55 6.49 15.07
C ARG B 246 -11.21 6.84 15.70
N ASP B 247 -10.46 5.81 16.09
CA ASP B 247 -9.19 6.05 16.75
C ASP B 247 -8.11 6.58 15.77
N LEU B 248 -8.19 6.13 14.51
CA LEU B 248 -7.28 6.58 13.49
C LEU B 248 -7.53 8.07 13.20
N TYR B 249 -8.79 8.46 13.20
CA TYR B 249 -9.17 9.88 13.05
C TYR B 249 -8.52 10.71 14.17
N ALA B 250 -8.65 10.26 15.41
CA ALA B 250 -8.08 10.97 16.54
C ALA B 250 -6.57 11.11 16.37
N LEU B 251 -5.90 10.04 15.97
CA LEU B 251 -4.47 10.11 15.68
C LEU B 251 -4.15 11.09 14.57
N ALA B 252 -4.95 11.08 13.51
CA ALA B 252 -4.75 12.04 12.42
C ALA B 252 -4.81 13.47 12.96
N VAL B 253 -5.80 13.78 13.80
CA VAL B 253 -5.94 15.15 14.27
C VAL B 253 -4.79 15.53 15.21
N LEU B 254 -4.46 14.64 16.12
CA LEU B 254 -3.40 14.89 17.08
C LEU B 254 -2.04 15.10 16.41
N LEU B 255 -1.80 14.37 15.32
CA LEU B 255 -0.54 14.44 14.55
C LEU B 255 -0.55 15.45 13.43
N GLN B 256 -1.66 16.17 13.26
CA GLN B 256 -1.85 17.10 12.15
C GLN B 256 -1.67 16.46 10.79
N GLU B 257 -2.21 15.25 10.64
CA GLU B 257 -2.27 14.55 9.38
C GLU B 257 -3.64 14.83 8.76
N ASP B 258 -3.72 14.66 7.48
CA ASP B 258 -5.00 14.86 6.78
C ASP B 258 -5.99 13.71 7.09
N PRO B 259 -7.16 14.04 7.62
CA PRO B 259 -8.11 12.99 8.01
C PRO B 259 -9.21 12.74 6.98
N TYR B 260 -9.09 13.37 5.80
CA TYR B 260 -10.07 13.27 4.73
C TYR B 260 -10.67 11.88 4.48
N GLU B 261 -9.81 10.89 4.23
CA GLU B 261 -10.31 9.56 3.91
C GLU B 261 -10.99 8.90 5.09
N ILE B 262 -10.46 9.18 6.27
CA ILE B 262 -10.97 8.53 7.47
C ILE B 262 -12.38 9.01 7.79
N GLU B 263 -12.60 10.31 7.62
CA GLU B 263 -13.94 10.86 7.84
C GLU B 263 -14.99 10.18 7.00
N GLU B 264 -14.70 9.97 5.73
CA GLU B 264 -15.59 9.22 4.83
C GLU B 264 -15.90 7.84 5.38
N TRP B 265 -14.88 7.11 5.85
CA TRP B 265 -15.11 5.76 6.36
C TRP B 265 -15.96 5.80 7.62
N ILE B 266 -15.72 6.78 8.45
CA ILE B 266 -16.47 6.91 9.68
C ILE B 266 -17.97 7.12 9.39
N VAL B 267 -18.27 8.08 8.52
CA VAL B 267 -19.66 8.46 8.28
C VAL B 267 -20.40 7.30 7.62
N ARG B 268 -19.79 6.66 6.62
CA ARG B 268 -20.44 5.50 6.01
C ARG B 268 -20.55 4.31 6.96
N GLY B 269 -19.51 4.12 7.76
CA GLY B 269 -19.42 3.02 8.68
C GLY B 269 -20.46 3.08 9.77
N GLU B 270 -20.86 4.28 10.18
CA GLU B 270 -21.84 4.43 11.22
C GLU B 270 -23.21 3.94 10.70
N VAL B 271 -23.51 4.30 9.45
CA VAL B 271 -24.75 3.89 8.78
C VAL B 271 -24.73 2.36 8.63
N GLY B 272 -23.59 1.83 8.17
CA GLY B 272 -23.48 0.39 7.93
C GLY B 272 -23.60 -0.47 9.17
N LEU B 273 -22.83 -0.13 10.20
CA LEU B 273 -22.85 -0.98 11.39
C LEU B 273 -24.21 -1.02 12.04
N GLU B 274 -24.87 0.12 12.15
CA GLU B 274 -26.20 0.15 12.74
C GLU B 274 -27.24 -0.56 11.91
N ALA B 275 -27.03 -0.68 10.60
CA ALA B 275 -27.93 -1.46 9.73
C ALA B 275 -28.03 -2.94 10.13
N LEU B 276 -26.97 -3.44 10.77
CA LEU B 276 -26.92 -4.86 11.13
C LEU B 276 -27.83 -5.21 12.31
N TRP B 277 -28.33 -4.21 13.01
CA TRP B 277 -29.24 -4.46 14.13
C TRP B 277 -30.57 -5.03 13.62
N ASP B 278 -30.98 -6.15 14.19
CA ASP B 278 -32.27 -6.79 13.87
C ASP B 278 -33.21 -6.51 15.03
N ARG B 279 -34.23 -5.72 14.78
CA ARG B 279 -35.17 -5.33 15.81
C ARG B 279 -35.98 -6.48 16.37
N GLU B 280 -36.37 -7.41 15.53
CA GLU B 280 -37.20 -8.51 16.00
C GLU B 280 -36.40 -9.41 16.97
N ALA B 281 -35.15 -9.70 16.64
CA ALA B 281 -34.27 -10.50 17.51
C ALA B 281 -33.67 -9.71 18.69
N GLY B 282 -33.62 -8.39 18.58
CA GLY B 282 -32.91 -7.58 19.55
C GLY B 282 -31.41 -7.85 19.62
N PHE B 283 -30.77 -7.92 18.49
CA PHE B 283 -29.35 -8.24 18.42
C PHE B 283 -28.77 -7.78 17.12
N TYR B 284 -27.43 -7.69 17.07
CA TYR B 284 -26.72 -7.43 15.81
C TYR B 284 -26.32 -8.73 15.12
N PHE B 285 -26.62 -8.83 13.84
CA PHE B 285 -26.27 -10.04 13.07
C PHE B 285 -25.25 -9.72 11.99
N SER B 286 -24.38 -10.69 11.74
CA SER B 286 -23.64 -10.71 10.52
C SER B 286 -24.56 -10.99 9.35
N TRP B 287 -24.15 -10.54 8.17
CA TRP B 287 -24.92 -10.74 6.97
C TRP B 287 -24.21 -11.59 5.93
N ASP B 288 -24.99 -12.49 5.32
CA ASP B 288 -24.52 -13.32 4.20
C ASP B 288 -24.92 -12.66 2.89
N LEU B 289 -23.96 -12.12 2.15
CA LEU B 289 -24.23 -11.41 0.91
C LEU B 289 -24.44 -12.32 -0.32
N VAL B 290 -24.00 -13.56 -0.22
CA VAL B 290 -24.27 -14.56 -1.26
C VAL B 290 -25.76 -14.91 -1.27
N ALA B 291 -26.30 -15.28 -0.12
CA ALA B 291 -27.72 -15.54 0.02
C ALA B 291 -28.52 -14.24 0.06
N GLY B 292 -27.87 -13.15 0.43
CA GLY B 292 -28.55 -11.87 0.62
C GLY B 292 -29.40 -11.79 1.87
N GLU B 293 -28.96 -12.37 2.98
CA GLU B 293 -29.78 -12.46 4.17
C GLU B 293 -28.98 -12.20 5.41
N PRO B 294 -29.59 -11.59 6.42
CA PRO B 294 -29.00 -11.66 7.72
C PRO B 294 -28.83 -13.10 8.22
N ILE B 295 -27.74 -13.35 8.94
CA ILE B 295 -27.48 -14.64 9.55
C ILE B 295 -28.01 -14.59 10.95
N ALA B 296 -29.10 -15.32 11.18
CA ALA B 296 -29.83 -15.18 12.44
C ALA B 296 -29.26 -16.05 13.55
N VAL B 297 -28.00 -15.79 13.88
CA VAL B 297 -27.29 -16.48 14.94
C VAL B 297 -26.66 -15.42 15.88
N LYS B 298 -27.04 -15.46 17.14
CA LYS B 298 -26.52 -14.51 18.13
CA LYS B 298 -26.53 -14.51 18.14
C LYS B 298 -25.20 -15.01 18.72
N THR B 299 -24.09 -14.35 18.37
CA THR B 299 -22.76 -14.70 18.89
C THR B 299 -22.18 -13.53 19.66
N SER B 300 -21.09 -13.75 20.36
CA SER B 300 -20.47 -12.66 21.15
C SER B 300 -20.00 -11.50 20.25
N ALA B 301 -19.76 -11.78 18.97
CA ALA B 301 -19.40 -10.71 18.04
C ALA B 301 -20.47 -9.62 17.93
N GLY B 302 -21.73 -10.02 18.12
CA GLY B 302 -22.85 -9.06 18.03
C GLY B 302 -22.92 -8.02 19.16
N PHE B 303 -22.09 -8.17 20.19
CA PHE B 303 -21.91 -7.15 21.24
C PHE B 303 -20.90 -6.08 20.85
N LEU B 304 -20.09 -6.37 19.85
CA LEU B 304 -18.96 -5.53 19.51
C LEU B 304 -19.29 -4.15 18.97
N PRO B 305 -20.52 -3.93 18.43
CA PRO B 305 -20.82 -2.53 18.16
C PRO B 305 -20.73 -1.60 19.38
N LEU B 306 -20.89 -2.12 20.60
CA LEU B 306 -20.68 -1.31 21.77
C LEU B 306 -19.25 -0.73 21.80
N PHE B 307 -18.26 -1.56 21.43
CA PHE B 307 -16.85 -1.17 21.35
C PHE B 307 -16.62 -0.14 20.23
N ALA B 308 -17.43 -0.22 19.17
CA ALA B 308 -17.42 0.79 18.07
C ALA B 308 -18.07 2.10 18.47
N GLY B 309 -19.02 2.07 19.42
CA GLY B 309 -19.66 3.29 19.87
C GLY B 309 -20.81 3.76 18.98
N THR B 310 -21.36 2.86 18.16
CA THR B 310 -22.47 3.21 17.26
C THR B 310 -23.90 3.13 17.80
N PRO B 311 -24.23 2.19 18.68
CA PRO B 311 -25.64 2.20 19.15
C PRO B 311 -26.04 3.42 19.94
N HIS B 312 -27.34 3.69 19.97
CA HIS B 312 -27.86 4.55 21.01
C HIS B 312 -28.03 3.75 22.29
N GLN B 313 -28.26 4.47 23.38
CA GLN B 313 -28.31 3.85 24.71
C GLN B 313 -29.39 2.79 24.85
N GLY B 314 -30.53 3.00 24.19
CA GLY B 314 -31.61 2.01 24.23
C GLY B 314 -31.22 0.67 23.67
N ARG B 315 -30.55 0.72 22.54
CA ARG B 315 -30.03 -0.43 21.89
C ARG B 315 -28.93 -1.09 22.75
N ALA B 316 -28.07 -0.28 23.36
CA ALA B 316 -27.09 -0.80 24.28
C ALA B 316 -27.78 -1.49 25.47
N SER B 317 -28.91 -0.94 25.92
CA SER B 317 -29.62 -1.52 27.07
C SER B 317 -30.23 -2.87 26.72
N LEU B 318 -30.65 -3.02 25.47
CA LEU B 318 -31.15 -4.32 25.00
C LEU B 318 -30.01 -5.36 24.94
N LEU B 319 -28.83 -4.93 24.50
CA LEU B 319 -27.63 -5.77 24.58
C LEU B 319 -27.28 -6.13 26.02
N ALA B 320 -27.40 -5.18 26.94
CA ALA B 320 -27.09 -5.45 28.36
C ALA B 320 -28.01 -6.55 28.90
N GLN B 321 -29.28 -6.46 28.55
CA GLN B 321 -30.24 -7.50 28.91
C GLN B 321 -29.88 -8.84 28.31
N GLU B 322 -29.43 -8.86 27.06
CA GLU B 322 -29.02 -10.10 26.43
C GLU B 322 -27.80 -10.72 27.10
N ALA B 323 -26.79 -9.91 27.41
CA ALA B 323 -25.62 -10.39 28.17
C ALA B 323 -26.06 -10.97 29.50
N GLU B 324 -26.91 -10.24 30.19
CA GLU B 324 -27.46 -10.71 31.48
C GLU B 324 -28.17 -12.06 31.34
N ARG B 325 -28.97 -12.21 30.29
CA ARG B 325 -29.59 -13.48 29.90
C ARG B 325 -28.58 -14.60 29.69
N TRP B 326 -27.49 -14.32 28.99
CA TRP B 326 -26.47 -15.35 28.78
C TRP B 326 -25.84 -15.73 30.12
N GLY B 327 -25.64 -14.76 31.00
CA GLY B 327 -25.12 -15.01 32.37
C GLY B 327 -26.08 -15.76 33.28
N GLU B 328 -27.34 -15.87 32.87
CA GLU B 328 -28.33 -16.65 33.62
C GLU B 328 -28.16 -18.16 33.48
N LYS B 329 -27.50 -18.61 32.42
CA LYS B 329 -27.21 -20.05 32.25
C LYS B 329 -25.72 -20.41 32.27
N ALA B 330 -24.85 -19.42 32.33
CA ALA B 330 -23.43 -19.65 32.34
C ALA B 330 -22.87 -19.03 33.59
N ARG B 331 -22.01 -19.75 34.30
CA ARG B 331 -21.34 -19.17 35.45
C ARG B 331 -20.48 -17.98 35.05
N TYR B 332 -19.77 -18.12 33.95
CA TYR B 332 -18.80 -17.12 33.48
C TYR B 332 -19.27 -16.45 32.19
N LEU B 333 -19.31 -15.12 32.22
CA LEU B 333 -19.49 -14.36 31.00
C LEU B 333 -18.11 -14.17 30.36
N LEU B 334 -18.05 -13.97 29.04
CA LEU B 334 -19.16 -13.95 28.12
C LEU B 334 -19.02 -15.16 27.18
N PRO B 335 -20.01 -16.06 27.16
CA PRO B 335 -19.88 -17.17 26.20
C PRO B 335 -19.88 -16.68 24.77
N SER B 336 -19.23 -17.41 23.87
CA SER B 336 -19.15 -17.00 22.49
C SER B 336 -20.44 -17.17 21.66
N VAL B 337 -21.35 -18.02 22.14
CA VAL B 337 -22.71 -18.06 21.63
C VAL B 337 -23.67 -18.18 22.79
N ASP B 338 -24.90 -17.77 22.49
CA ASP B 338 -26.00 -17.86 23.41
C ASP B 338 -25.97 -19.27 24.00
N PRO B 339 -25.87 -19.39 25.31
CA PRO B 339 -25.85 -20.73 25.89
C PRO B 339 -27.18 -21.51 25.76
N THR B 340 -28.24 -20.83 25.34
CA THR B 340 -29.51 -21.49 25.03
C THR B 340 -29.59 -21.84 23.56
N SER B 341 -28.55 -21.55 22.80
CA SER B 341 -28.55 -21.83 21.40
C SER B 341 -28.44 -23.32 21.20
N PRO B 342 -29.09 -23.85 20.16
CA PRO B 342 -28.87 -25.26 19.78
C PRO B 342 -27.43 -25.56 19.33
N PHE B 343 -26.64 -24.53 19.00
CA PHE B 343 -25.22 -24.72 18.66
C PHE B 343 -24.26 -24.60 19.84
N PHE B 344 -24.75 -24.30 21.03
CA PHE B 344 -23.86 -24.07 22.18
C PHE B 344 -23.14 -25.34 22.59
N GLU B 345 -21.81 -25.26 22.66
CA GLU B 345 -20.96 -26.35 23.12
C GLU B 345 -19.92 -25.71 23.99
N PRO B 346 -19.95 -25.95 25.30
CA PRO B 346 -19.15 -25.19 26.26
C PRO B 346 -17.63 -25.33 26.12
N GLY B 347 -17.15 -26.35 25.41
CA GLY B 347 -15.71 -26.56 25.24
C GLY B 347 -15.17 -26.36 23.85
N ARG B 348 -15.99 -25.97 22.89
CA ARG B 348 -15.58 -26.01 21.50
C ARG B 348 -15.29 -24.63 20.87
N TYR B 349 -14.06 -24.17 21.04
CA TYR B 349 -13.48 -23.06 20.25
C TYR B 349 -14.41 -21.83 20.24
N TRP B 350 -14.97 -21.45 19.09
CA TRP B 350 -15.87 -20.28 19.02
C TRP B 350 -17.37 -20.58 19.08
N ARG B 351 -17.71 -21.76 19.61
CA ARG B 351 -19.10 -22.24 19.64
C ARG B 351 -19.68 -22.31 21.04
N GLY B 352 -19.14 -21.50 21.94
CA GLY B 352 -19.62 -21.42 23.29
C GLY B 352 -18.64 -20.87 24.31
N PRO B 353 -17.34 -21.25 24.23
CA PRO B 353 -16.40 -20.86 25.25
C PRO B 353 -16.22 -19.34 25.44
N VAL B 354 -15.73 -18.98 26.62
CA VAL B 354 -15.36 -17.61 27.00
C VAL B 354 -13.97 -17.29 26.46
N TRP B 355 -13.84 -16.09 25.89
CA TRP B 355 -12.57 -15.61 25.32
C TRP B 355 -12.19 -14.32 26.01
N ILE B 356 -10.95 -14.20 26.45
CA ILE B 356 -10.53 -13.06 27.25
C ILE B 356 -10.54 -11.77 26.43
N ASN B 357 -10.09 -11.87 25.18
CA ASN B 357 -10.05 -10.68 24.33
C ASN B 357 -11.43 -10.11 24.02
N VAL B 358 -12.40 -10.98 23.81
CA VAL B 358 -13.77 -10.54 23.61
C VAL B 358 -14.39 -10.03 24.91
N ASN B 359 -14.17 -10.70 26.05
CA ASN B 359 -14.59 -10.10 27.33
C ASN B 359 -14.08 -8.68 27.48
N TRP B 360 -12.81 -8.46 27.15
CA TRP B 360 -12.19 -7.15 27.27
C TRP B 360 -12.87 -6.09 26.36
N MET B 361 -13.00 -6.38 25.09
CA MET B 361 -13.66 -5.43 24.16
C MET B 361 -15.11 -5.14 24.55
N VAL B 362 -15.83 -6.17 24.95
CA VAL B 362 -17.24 -6.00 25.28
C VAL B 362 -17.41 -5.25 26.61
N ALA B 363 -16.53 -5.51 27.58
CA ALA B 363 -16.50 -4.80 28.85
C ALA B 363 -16.24 -3.33 28.60
N GLU B 364 -15.26 -3.05 27.74
CA GLU B 364 -14.91 -1.70 27.34
C GLU B 364 -16.16 -0.97 26.77
N GLY B 365 -16.84 -1.63 25.85
CA GLY B 365 -18.08 -1.12 25.27
C GLY B 365 -19.18 -0.88 26.30
N PHE B 366 -19.48 -1.86 27.14
CA PHE B 366 -20.49 -1.67 28.14
C PHE B 366 -20.16 -0.52 29.10
N ARG B 367 -18.90 -0.41 29.51
CA ARG B 367 -18.48 0.70 30.35
C ARG B 367 -18.80 2.02 29.69
N ASP B 368 -18.50 2.11 28.39
CA ASP B 368 -18.74 3.35 27.64
C ASP B 368 -20.20 3.74 27.60
N TYR B 369 -21.11 2.76 27.70
CA TYR B 369 -22.53 3.00 27.68
C TYR B 369 -23.13 3.06 29.11
N GLY B 370 -22.29 3.14 30.12
CA GLY B 370 -22.78 3.35 31.48
C GLY B 370 -23.11 2.11 32.23
N PHE B 371 -22.84 0.95 31.65
CA PHE B 371 -23.16 -0.32 32.30
C PHE B 371 -21.97 -0.82 33.11
N ALA B 372 -21.74 -0.16 34.23
CA ALA B 372 -20.51 -0.35 34.99
C ALA B 372 -20.49 -1.70 35.66
N ALA B 373 -21.62 -2.10 36.19
CA ALA B 373 -21.74 -3.40 36.85
C ALA B 373 -21.46 -4.56 35.89
N LEU B 374 -22.03 -4.51 34.69
CA LEU B 374 -21.86 -5.55 33.70
C LEU B 374 -20.41 -5.56 33.22
N ALA B 375 -19.86 -4.37 32.99
CA ALA B 375 -18.46 -4.27 32.61
C ALA B 375 -17.55 -4.88 33.69
N ALA B 376 -17.84 -4.57 34.95
CA ALA B 376 -17.05 -5.12 36.08
C ALA B 376 -17.13 -6.63 36.15
N ARG B 377 -18.32 -7.15 35.88
CA ARG B 377 -18.54 -8.60 35.88
C ARG B 377 -17.74 -9.28 34.77
N LEU B 378 -17.74 -8.69 33.60
CA LEU B 378 -16.91 -9.23 32.52
C LEU B 378 -15.41 -9.26 32.87
N LYS B 379 -14.92 -8.24 33.56
CA LYS B 379 -13.53 -8.17 34.00
C LYS B 379 -13.32 -9.24 35.07
N ALA B 380 -14.17 -9.20 36.07
CA ALA B 380 -14.06 -10.12 37.20
C ALA B 380 -14.06 -11.56 36.74
N ASP B 381 -14.96 -11.93 35.83
CA ASP B 381 -14.99 -13.28 35.28
C ASP B 381 -13.71 -13.62 34.52
N ALA B 382 -13.24 -12.73 33.64
CA ALA B 382 -11.98 -12.95 32.97
C ALA B 382 -10.81 -13.20 33.94
N LEU B 383 -10.66 -12.35 34.95
CA LEU B 383 -9.54 -12.48 35.87
C LEU B 383 -9.69 -13.76 36.72
N ALA B 384 -10.92 -14.07 37.12
CA ALA B 384 -11.17 -15.28 37.93
C ALA B 384 -10.76 -16.51 37.15
N LEU B 385 -11.11 -16.53 35.87
CA LEU B 385 -10.75 -17.67 35.01
C LEU B 385 -9.22 -17.82 34.93
N MET B 386 -8.52 -16.71 34.72
CA MET B 386 -7.07 -16.77 34.56
C MET B 386 -6.38 -17.09 35.89
N GLU B 387 -6.93 -16.63 37.01
CA GLU B 387 -6.34 -16.91 38.32
C GLU B 387 -6.40 -18.40 38.61
N ARG B 388 -7.54 -19.02 38.30
CA ARG B 388 -7.79 -20.44 38.61
C ARG B 388 -7.16 -21.39 37.60
N GLU B 389 -7.17 -21.01 36.33
CA GLU B 389 -6.78 -21.92 35.23
C GLU B 389 -5.58 -21.47 34.40
N GLY B 390 -4.93 -20.37 34.79
CA GLY B 390 -3.80 -19.86 34.03
C GLY B 390 -4.25 -19.18 32.73
N PHE B 391 -3.29 -18.97 31.83
CA PHE B 391 -3.50 -18.21 30.61
C PHE B 391 -3.75 -19.16 29.45
N ARG B 392 -5.03 -19.34 29.16
CA ARG B 392 -5.48 -20.25 28.15
C ARG B 392 -6.22 -19.51 27.05
N GLU B 393 -6.41 -20.19 25.93
CA GLU B 393 -7.02 -19.61 24.77
C GLU B 393 -8.51 -19.33 24.99
N TYR B 394 -9.20 -20.24 25.64
CA TYR B 394 -10.63 -20.05 25.90
C TYR B 394 -11.03 -20.95 27.06
N TYR B 395 -12.22 -20.73 27.57
CA TYR B 395 -12.65 -21.30 28.84
C TYR B 395 -14.10 -21.78 28.76
N ASP B 396 -14.40 -22.92 29.42
CA ASP B 396 -15.73 -23.43 29.52
C ASP B 396 -16.56 -22.50 30.40
N PRO B 397 -17.71 -21.98 29.89
CA PRO B 397 -18.46 -20.97 30.65
C PRO B 397 -19.23 -21.57 31.81
N LEU B 398 -19.43 -22.89 31.75
CA LEU B 398 -20.16 -23.59 32.81
C LEU B 398 -19.25 -23.99 33.99
N THR B 399 -18.07 -24.51 33.69
CA THR B 399 -17.15 -25.02 34.70
C THR B 399 -15.92 -24.15 34.95
N GLY B 400 -15.63 -23.26 34.00
CA GLY B 400 -14.39 -22.46 34.05
C GLY B 400 -13.15 -23.16 33.54
N GLN B 401 -13.28 -24.39 33.06
CA GLN B 401 -12.10 -25.15 32.66
C GLN B 401 -11.34 -24.47 31.52
N GLY B 402 -10.03 -24.31 31.68
CA GLY B 402 -9.18 -23.83 30.61
C GLY B 402 -9.09 -24.81 29.47
N ARG B 403 -9.04 -24.28 28.25
CA ARG B 403 -9.07 -25.06 27.03
C ARG B 403 -8.20 -24.42 25.97
N GLY B 404 -7.94 -25.18 24.92
CA GLY B 404 -7.12 -24.72 23.81
C GLY B 404 -5.66 -24.47 24.20
N GLY B 405 -5.06 -23.49 23.55
CA GLY B 405 -3.67 -23.14 23.81
C GLY B 405 -3.28 -22.86 25.23
N GLU B 406 -2.03 -23.20 25.54
CA GLU B 406 -1.44 -22.94 26.84
C GLU B 406 -0.51 -21.75 26.73
N GLY B 407 -0.30 -21.04 27.83
CA GLY B 407 0.52 -19.85 27.83
C GLY B 407 0.02 -18.89 26.76
N PHE B 408 -1.29 -18.63 26.78
CA PHE B 408 -1.89 -17.93 25.68
C PHE B 408 -1.71 -16.41 25.79
N SER B 409 -1.05 -15.84 24.80
CA SER B 409 -0.44 -14.54 24.91
C SER B 409 -1.47 -13.41 25.08
N TRP B 410 -2.55 -13.40 24.30
CA TRP B 410 -3.51 -12.30 24.49
C TRP B 410 -4.22 -12.37 25.84
N SER B 411 -4.34 -13.59 26.41
CA SER B 411 -4.89 -13.72 27.74
C SER B 411 -3.97 -13.11 28.79
N ALA B 412 -2.69 -13.47 28.75
CA ALA B 412 -1.70 -12.91 29.66
C ALA B 412 -1.59 -11.39 29.47
N ALA B 413 -1.53 -10.98 28.22
CA ALA B 413 -1.45 -9.54 27.92
C ALA B 413 -2.59 -8.72 28.48
N LEU B 414 -3.82 -9.20 28.34
CA LEU B 414 -4.98 -8.48 28.81
C LEU B 414 -5.13 -8.59 30.30
N ALA B 415 -4.64 -9.68 30.92
CA ALA B 415 -4.54 -9.70 32.37
C ALA B 415 -3.71 -8.57 32.88
N LEU B 416 -2.56 -8.34 32.25
CA LEU B 416 -1.65 -7.25 32.57
C LEU B 416 -2.25 -5.88 32.34
N PHE B 417 -2.88 -5.73 31.19
CA PHE B 417 -3.45 -4.44 30.84
C PHE B 417 -4.63 -4.09 31.73
N TRP B 418 -5.51 -5.05 31.97
CA TRP B 418 -6.73 -4.83 32.71
C TRP B 418 -6.47 -4.49 34.18
N THR B 419 -5.34 -4.95 34.73
CA THR B 419 -5.02 -4.74 36.15
C THR B 419 -3.94 -3.66 36.35
N ARG B 420 -3.64 -2.86 35.30
CA ARG B 420 -2.63 -1.83 35.40
C ARG B 420 -2.94 -0.73 36.41
CL CL C . -8.45 23.24 -29.46
C1 MPD D . 1.06 5.24 -26.30
C2 MPD D . 2.04 6.17 -27.01
O2 MPD D . 1.36 7.34 -27.52
CM MPD D . 3.08 6.68 -26.02
C3 MPD D . 2.74 5.35 -28.10
C4 MPD D . 2.04 5.22 -29.48
O4 MPD D . 1.97 3.84 -29.85
C5 MPD D . 0.64 5.82 -29.65
C1 MPD E . 11.72 12.43 0.07
C2 MPD E . 10.27 11.98 0.37
O2 MPD E . 9.72 11.33 -0.78
CM MPD E . 10.25 10.98 1.53
C3 MPD E . 9.43 13.19 0.84
C4 MPD E . 8.18 13.54 0.04
O4 MPD E . 7.29 12.44 -0.18
C5 MPD E . 7.41 14.69 0.69
C1 GLC F . 20.73 10.61 -15.05
C2 GLC F . 19.61 11.21 -15.93
C3 GLC F . 18.26 10.65 -15.45
C4 GLC F . 18.28 9.12 -15.57
C5 GLC F . 19.48 8.56 -14.80
C6 GLC F . 19.71 7.07 -15.06
O1 GLC F . 20.54 11.03 -13.67
O2 GLC F . 19.60 12.64 -15.88
O3 GLC F . 17.23 11.20 -16.24
O4 GLC F . 16.99 8.59 -15.16
O5 GLC F . 20.74 9.18 -15.14
O6 GLC F . 20.17 6.89 -16.38
CL CL G . -28.20 7.62 23.15
C1 MPD H . -8.40 2.63 24.30
C2 MPD H . -9.21 1.60 25.08
O2 MPD H . -10.52 2.12 25.37
CM MPD H . -9.39 0.31 24.27
C3 MPD H . -8.40 1.28 26.32
C4 MPD H . -8.62 2.20 27.52
O4 MPD H . -7.35 2.68 27.95
C5 MPD H . -9.50 3.43 27.43
C1 MPD I . -8.16 -13.07 -0.38
C2 MPD I . -8.13 -11.64 -0.90
O2 MPD I . -7.64 -10.83 0.19
CM MPD I . -7.20 -11.48 -2.09
C3 MPD I . -9.54 -11.31 -1.36
C4 MPD I . -10.15 -9.89 -1.28
O4 MPD I . -9.29 -8.76 -1.17
C5 MPD I . -11.18 -9.61 -2.37
#